data_6X4H
#
_entry.id   6X4H
#
_cell.length_a   161.458
_cell.length_b   79.444
_cell.length_c   111.545
_cell.angle_alpha   90.000
_cell.angle_beta   127.000
_cell.angle_gamma   90.000
#
_symmetry.space_group_name_H-M   'C 1 2 1'
#
loop_
_entity.id
_entity.type
_entity.pdbx_description
1 polymer Sortilin
2 branched 2-acetamido-2-deoxy-beta-D-glucopyranose-(1-4)-2-acetamido-2-deoxy-beta-D-glucopyranose
3 non-polymer 4-methyl-N-(6-phenoxypyridine-3-carbonyl)-L-leucine
4 non-polymer GLYCEROL
5 water water
#
_entity_poly.entity_id   1
_entity_poly.type   'polypeptide(L)'
_entity_poly.pdbx_seq_one_letter_code
;CGRVRDFVAKLANNTHQHVFDDLRGSVSLSWVGDSTGVILVLTTFHVPLVIMTFGQSKLYRSEDYGKNFKDITDLINNTF
IRTEFGMAIGPENSGKVVLTAEVSGGSRGGRIFRSSDFAKNFVQTDLPFHPLTQMMYSPQNSDYLLALSTENGLWVSKNF
GGKWEEIHKAVCLAKWGSDNTIFFTTYANGSCKADLGALELWRTSDLGKSFKTIGVKIYSFGLGGRFLFASVMADKDTTR
RIHVSTDQGDTWSMAQLPSVGQEQFYSILAANDDMVFMHVDEPGDTGFGTIFTSDDRGIVYSKSLDRHLYTTTGGETDFT
NVTSLRGVYITSVLSEDNSIQTMITFDQGGRWTHLRKPENSECDATAKNKNECSLHIHASYSISQKLNVPMAPLSEPNAV
GIVIAHGSVGDAISVMVPDVYISDDGGYSWTKMLEGPHYYTILDSGGIIVAIEHSSRPINVIKFSTDEGQCWQTYTFTRD
PIYFTGLASEPGARSMNISIWGFTESFLTSQWVSYTIDFKDILERNCEEKDYTIWLAHSTDPEDYEDGCILGYKEQFLRL
RKSSMCQNGRDYVVTKQPSICLCSLEDFLCDFGYYRPENDSKCVEQPELKGHDLEFCLYGREEHLTTNGYRKIPGDKCQG
GVNPVREVKDLKKKCTSNFLSPE
;
_entity_poly.pdbx_strand_id   A
#
loop_
_chem_comp.id
_chem_comp.type
_chem_comp.name
_chem_comp.formula
GOL non-polymer GLYCEROL 'C3 H8 O3'
NAG D-saccharide, beta linking 2-acetamido-2-deoxy-beta-D-glucopyranose 'C8 H15 N O6'
UOY non-polymer 4-methyl-N-(6-phenoxypyridine-3-carbonyl)-L-leucine 'C19 H22 N2 O4'
#
# COMPACT_ATOMS: atom_id res chain seq x y z
N CYS A 1 -35.91 -3.75 12.92
CA CYS A 1 -35.49 -3.69 11.51
C CYS A 1 -34.84 -5.00 11.06
N GLY A 2 -33.67 -5.31 11.62
CA GLY A 2 -32.88 -6.50 11.31
C GLY A 2 -31.62 -6.61 12.14
N ARG A 3 -31.56 -7.63 13.02
CA ARG A 3 -30.44 -7.95 13.93
C ARG A 3 -30.35 -9.48 14.17
N VAL A 4 -29.22 -9.97 14.77
CA VAL A 4 -28.97 -11.38 15.11
C VAL A 4 -29.69 -11.68 16.44
N ARG A 5 -30.49 -12.74 16.49
CA ARG A 5 -31.24 -13.12 17.68
C ARG A 5 -30.48 -14.12 18.57
N ASP A 6 -30.47 -13.84 19.91
CA ASP A 6 -29.82 -14.61 20.98
C ASP A 6 -28.32 -14.72 20.77
N PHE A 7 -27.71 -13.62 20.30
CA PHE A 7 -26.28 -13.51 19.99
C PHE A 7 -25.36 -13.65 21.22
N VAL A 8 -25.76 -13.05 22.35
CA VAL A 8 -25.02 -13.01 23.62
C VAL A 8 -24.53 -14.38 24.08
N ALA A 9 -25.33 -15.43 23.84
CA ALA A 9 -25.01 -16.82 24.20
C ALA A 9 -23.91 -17.37 23.30
N LYS A 10 -24.07 -17.18 21.97
CA LYS A 10 -23.18 -17.63 20.88
C LYS A 10 -21.75 -17.08 20.97
N LEU A 11 -21.57 -15.92 21.60
CA LEU A 11 -20.28 -15.25 21.70
C LEU A 11 -19.53 -15.41 23.04
N ALA A 12 -20.28 -15.58 24.14
CA ALA A 12 -19.75 -15.73 25.51
C ALA A 12 -18.74 -16.87 25.68
N ASN A 13 -19.09 -18.09 25.19
CA ASN A 13 -18.19 -19.26 25.28
C ASN A 13 -17.03 -19.17 24.26
N ASN A 14 -17.15 -18.23 23.28
CA ASN A 14 -16.18 -17.97 22.22
C ASN A 14 -15.29 -16.74 22.45
N THR A 15 -15.38 -16.12 23.64
CA THR A 15 -14.57 -14.96 24.05
C THR A 15 -13.39 -15.52 24.85
N HIS A 16 -12.18 -15.49 24.28
CA HIS A 16 -10.98 -16.06 24.94
C HIS A 16 -9.90 -15.05 25.37
N GLN A 17 -9.94 -14.64 26.67
CA GLN A 17 -9.02 -13.68 27.33
C GLN A 17 -7.59 -14.24 27.58
N HIS A 18 -6.57 -13.36 27.59
CA HIS A 18 -5.16 -13.69 27.87
C HIS A 18 -4.42 -12.49 28.48
N VAL A 19 -3.86 -12.66 29.69
CA VAL A 19 -3.14 -11.58 30.35
C VAL A 19 -1.64 -11.69 30.16
N PHE A 20 -1.04 -10.63 29.62
CA PHE A 20 0.38 -10.57 29.38
C PHE A 20 1.01 -9.87 30.57
N ASP A 21 1.19 -10.67 31.64
CA ASP A 21 1.76 -10.28 32.95
C ASP A 21 2.99 -9.37 32.82
N ASP A 22 4.20 -9.96 32.65
CA ASP A 22 5.41 -9.16 32.52
C ASP A 22 5.52 -8.58 31.08
N LEU A 23 4.76 -7.47 30.88
CA LEU A 23 4.68 -6.68 29.65
C LEU A 23 4.65 -5.18 30.02
N ARG A 24 5.45 -4.37 29.23
CA ARG A 24 5.65 -2.90 29.26
C ARG A 24 6.50 -2.47 28.04
N GLY A 25 6.44 -1.18 27.72
CA GLY A 25 7.18 -0.58 26.61
C GLY A 25 6.82 -1.12 25.24
N SER A 26 7.74 -1.89 24.63
CA SER A 26 7.53 -2.49 23.32
C SER A 26 6.46 -3.57 23.35
N VAL A 27 5.78 -3.72 22.20
CA VAL A 27 4.74 -4.70 21.91
C VAL A 27 4.70 -4.87 20.39
N SER A 28 5.44 -5.88 19.89
CA SER A 28 5.49 -6.21 18.47
C SER A 28 4.57 -7.41 18.28
N LEU A 29 3.71 -7.37 17.27
CA LEU A 29 2.80 -8.48 16.98
C LEU A 29 3.01 -8.87 15.52
N SER A 30 3.39 -10.14 15.29
CA SER A 30 3.61 -10.66 13.95
C SER A 30 2.84 -11.91 13.67
N TRP A 31 2.16 -11.97 12.51
CA TRP A 31 1.44 -13.17 12.10
C TRP A 31 2.44 -13.99 11.32
N VAL A 32 2.39 -15.32 11.46
CA VAL A 32 3.30 -16.21 10.75
C VAL A 32 2.46 -17.16 9.87
N GLY A 33 2.52 -16.96 8.56
CA GLY A 33 1.80 -17.75 7.53
C GLY A 33 0.28 -17.67 7.55
N ASP A 34 -0.35 -18.14 6.47
CA ASP A 34 -1.81 -18.15 6.32
C ASP A 34 -2.43 -19.48 6.70
N SER A 35 -3.64 -19.41 7.29
CA SER A 35 -4.39 -20.59 7.74
C SER A 35 -3.58 -21.38 8.81
N THR A 36 -2.73 -20.69 9.58
CA THR A 36 -1.91 -21.32 10.61
C THR A 36 -2.43 -20.95 12.02
N GLY A 37 -2.64 -19.65 12.24
CA GLY A 37 -3.08 -19.13 13.54
C GLY A 37 -1.89 -18.66 14.35
N VAL A 38 -0.65 -18.94 13.85
CA VAL A 38 0.59 -18.54 14.51
C VAL A 38 0.75 -17.01 14.57
N ILE A 39 0.85 -16.48 15.79
CA ILE A 39 1.07 -15.06 16.12
C ILE A 39 2.25 -15.02 17.08
N LEU A 40 3.10 -14.01 16.97
CA LEU A 40 4.22 -13.82 17.85
C LEU A 40 4.14 -12.44 18.45
N VAL A 41 4.28 -12.34 19.79
CA VAL A 41 4.25 -11.06 20.53
C VAL A 41 5.66 -10.82 21.12
N LEU A 42 6.21 -9.61 20.98
CA LEU A 42 7.53 -9.32 21.47
C LEU A 42 7.56 -8.00 22.21
N THR A 43 7.72 -8.11 23.53
CA THR A 43 7.79 -7.05 24.51
C THR A 43 9.21 -6.85 25.02
N THR A 44 9.74 -5.61 24.88
CA THR A 44 11.09 -5.22 25.34
C THR A 44 10.95 -4.14 26.47
N PHE A 45 11.82 -4.22 27.49
CA PHE A 45 11.83 -3.32 28.65
C PHE A 45 13.18 -2.61 28.73
N HIS A 46 13.22 -1.40 29.34
CA HIS A 46 14.48 -0.66 29.45
C HIS A 46 14.82 -0.19 30.88
N VAL A 47 16.04 -0.58 31.37
CA VAL A 47 16.63 -0.27 32.69
C VAL A 47 16.88 1.23 32.80
N GLY A 55 18.12 -4.07 29.26
CA GLY A 55 16.79 -4.54 29.67
C GLY A 55 16.51 -6.00 29.37
N GLN A 56 15.22 -6.40 29.51
CA GLN A 56 14.71 -7.76 29.29
C GLN A 56 13.70 -7.86 28.14
N SER A 57 13.68 -9.02 27.43
CA SER A 57 12.77 -9.29 26.31
C SER A 57 11.91 -10.49 26.59
N LYS A 58 10.61 -10.41 26.24
CA LYS A 58 9.63 -11.47 26.44
C LYS A 58 8.98 -11.86 25.10
N LEU A 59 8.80 -13.17 24.84
CA LEU A 59 8.25 -13.62 23.57
C LEU A 59 7.16 -14.66 23.76
N TYR A 60 5.95 -14.40 23.24
CA TYR A 60 4.83 -15.32 23.36
C TYR A 60 4.43 -15.84 22.00
N ARG A 61 3.75 -16.99 21.97
CA ARG A 61 3.35 -17.60 20.70
C ARG A 61 1.98 -18.27 20.79
N SER A 62 1.04 -17.86 19.93
CA SER A 62 -0.29 -18.47 19.83
C SER A 62 -0.26 -19.39 18.61
N GLU A 63 -1.24 -20.27 18.49
CA GLU A 63 -1.36 -21.22 17.40
C GLU A 63 -2.85 -21.38 17.13
N ASP A 64 -3.66 -20.60 17.87
CA ASP A 64 -5.11 -20.60 17.79
C ASP A 64 -5.72 -19.20 17.53
N TYR A 65 -5.00 -18.39 16.72
CA TYR A 65 -5.39 -17.05 16.29
C TYR A 65 -5.42 -15.98 17.41
N GLY A 66 -4.62 -16.17 18.47
CA GLY A 66 -4.51 -15.22 19.57
C GLY A 66 -5.38 -15.46 20.78
N LYS A 67 -6.11 -16.59 20.77
CA LYS A 67 -6.99 -17.02 21.86
C LYS A 67 -6.14 -17.42 23.05
N ASN A 68 -4.98 -18.10 22.81
CA ASN A 68 -4.06 -18.55 23.86
C ASN A 68 -2.60 -18.53 23.45
N PHE A 69 -1.76 -17.93 24.28
CA PHE A 69 -0.33 -17.80 24.08
C PHE A 69 0.46 -18.58 25.14
N LYS A 70 1.71 -18.92 24.84
CA LYS A 70 2.58 -19.62 25.76
C LYS A 70 3.94 -19.00 25.70
N ASP A 71 4.40 -18.48 26.86
CA ASP A 71 5.71 -17.83 26.97
C ASP A 71 6.86 -18.73 26.50
N ILE A 72 7.55 -18.32 25.43
CA ILE A 72 8.68 -19.05 24.84
C ILE A 72 9.99 -18.22 24.91
N THR A 73 10.14 -17.33 25.93
CA THR A 73 11.34 -16.50 26.13
C THR A 73 12.55 -17.42 26.32
N ASP A 74 12.31 -18.62 26.87
CA ASP A 74 13.28 -19.67 27.12
C ASP A 74 13.97 -20.12 25.82
N LEU A 75 13.20 -20.15 24.70
CA LEU A 75 13.67 -20.52 23.37
C LEU A 75 14.67 -19.51 22.76
N ILE A 76 14.70 -18.27 23.29
CA ILE A 76 15.64 -17.23 22.83
C ILE A 76 16.66 -16.92 23.96
N ASN A 77 16.83 -17.88 24.90
CA ASN A 77 17.73 -17.83 26.08
C ASN A 77 17.60 -16.50 26.87
N ASN A 78 16.34 -16.00 26.97
CA ASN A 78 15.88 -14.80 27.67
C ASN A 78 16.58 -13.45 27.28
N THR A 79 17.67 -13.51 26.47
CA THR A 79 18.49 -12.38 25.98
C THR A 79 17.69 -11.21 25.38
N PHE A 80 18.30 -10.01 25.36
CA PHE A 80 17.71 -8.79 24.84
C PHE A 80 17.65 -8.78 23.32
N ILE A 81 16.45 -8.48 22.76
CA ILE A 81 16.15 -8.40 21.32
C ILE A 81 15.90 -6.92 20.89
N ARG A 82 16.63 -6.49 19.83
CA ARG A 82 16.55 -5.17 19.21
C ARG A 82 15.28 -5.08 18.40
N THR A 83 14.48 -4.03 18.64
CA THR A 83 13.19 -3.83 17.99
C THR A 83 13.25 -2.95 16.73
N GLU A 84 14.44 -2.47 16.37
CA GLU A 84 14.66 -1.67 15.17
C GLU A 84 14.54 -2.65 14.00
N PHE A 85 14.96 -3.90 14.24
CA PHE A 85 14.94 -4.99 13.27
C PHE A 85 13.66 -5.81 13.40
N GLY A 86 12.97 -5.63 14.52
CA GLY A 86 11.73 -6.32 14.82
C GLY A 86 11.86 -7.81 14.65
N MET A 87 10.83 -8.39 14.00
CA MET A 87 10.71 -9.81 13.70
C MET A 87 10.66 -10.00 12.20
N ALA A 88 11.78 -10.48 11.61
CA ALA A 88 11.91 -10.71 10.17
C ALA A 88 11.21 -12.01 9.87
N ILE A 89 9.97 -11.90 9.36
CA ILE A 89 9.11 -13.03 9.02
C ILE A 89 9.22 -13.34 7.52
N GLY A 90 9.42 -14.61 7.20
CA GLY A 90 9.58 -15.09 5.83
C GLY A 90 8.31 -15.04 4.99
N PRO A 91 8.46 -15.06 3.65
CA PRO A 91 7.27 -14.98 2.77
C PRO A 91 6.37 -16.19 2.82
N GLU A 92 5.14 -16.01 2.37
CA GLU A 92 4.10 -17.04 2.29
C GLU A 92 4.05 -17.91 3.55
N ASN A 93 3.99 -19.25 3.40
CA ASN A 93 3.94 -20.13 4.56
C ASN A 93 5.25 -20.84 4.83
N SER A 94 6.38 -20.14 4.58
CA SER A 94 7.71 -20.66 4.83
C SER A 94 7.98 -20.96 6.31
N GLY A 95 7.30 -20.23 7.20
CA GLY A 95 7.45 -20.37 8.64
C GLY A 95 8.69 -19.70 9.20
N LYS A 96 9.50 -19.11 8.31
CA LYS A 96 10.75 -18.43 8.64
C LYS A 96 10.51 -17.21 9.54
N VAL A 97 11.23 -17.15 10.68
CA VAL A 97 11.18 -16.10 11.70
C VAL A 97 12.64 -15.79 12.12
N VAL A 98 13.05 -14.51 12.18
CA VAL A 98 14.42 -14.09 12.55
C VAL A 98 14.31 -12.94 13.56
N LEU A 99 14.99 -13.06 14.69
CA LEU A 99 15.00 -12.04 15.74
C LEU A 99 16.42 -11.56 15.93
N THR A 100 16.61 -10.25 16.00
CA THR A 100 17.96 -9.73 16.15
C THR A 100 18.26 -9.44 17.61
N ALA A 101 19.31 -10.10 18.14
CA ALA A 101 19.74 -9.95 19.51
C ALA A 101 20.76 -8.84 19.65
N GLU A 102 20.70 -8.09 20.78
CA GLU A 102 21.66 -7.04 21.06
C GLU A 102 22.87 -7.75 21.62
N VAL A 103 24.07 -7.36 21.18
CA VAL A 103 25.29 -8.01 21.64
C VAL A 103 26.20 -7.04 22.41
N SER A 104 27.21 -7.62 23.08
CA SER A 104 28.26 -7.00 23.87
C SER A 104 29.01 -6.00 22.97
N GLY A 105 29.30 -4.84 23.52
CA GLY A 105 29.97 -3.71 22.87
C GLY A 105 31.09 -3.96 21.86
N GLY A 106 32.10 -4.70 22.28
CA GLY A 106 33.26 -4.98 21.43
C GLY A 106 33.25 -6.26 20.62
N SER A 107 32.10 -6.97 20.53
CA SER A 107 31.96 -8.23 19.79
C SER A 107 32.42 -8.14 18.32
N ARG A 108 32.88 -9.27 17.75
CA ARG A 108 33.33 -9.30 16.37
C ARG A 108 32.17 -9.17 15.39
N GLY A 109 31.00 -9.70 15.78
CA GLY A 109 29.79 -9.65 14.99
C GLY A 109 28.53 -9.76 15.83
N GLY A 110 27.38 -9.52 15.19
CA GLY A 110 26.08 -9.58 15.83
C GLY A 110 25.61 -11.00 16.09
N ARG A 111 24.35 -11.14 16.54
CA ARG A 111 23.74 -12.44 16.85
C ARG A 111 22.26 -12.43 16.46
N ILE A 112 21.77 -13.55 15.89
CA ILE A 112 20.37 -13.71 15.47
C ILE A 112 19.76 -15.03 15.96
N PHE A 113 18.44 -15.07 16.14
CA PHE A 113 17.71 -16.27 16.54
C PHE A 113 16.87 -16.62 15.36
N ARG A 114 17.10 -17.79 14.79
CA ARG A 114 16.40 -18.22 13.60
C ARG A 114 15.61 -19.48 13.80
N SER A 115 14.32 -19.42 13.45
CA SER A 115 13.34 -20.49 13.51
C SER A 115 12.77 -20.59 12.12
N SER A 116 12.60 -21.80 11.59
CA SER A 116 12.03 -21.96 10.24
C SER A 116 10.89 -22.94 10.29
N ASP A 117 10.39 -23.18 11.49
CA ASP A 117 9.31 -24.11 11.77
C ASP A 117 8.16 -23.47 12.54
N PHE A 118 7.81 -22.21 12.15
CA PHE A 118 6.72 -21.37 12.73
C PHE A 118 6.94 -21.12 14.23
N ALA A 119 8.16 -20.66 14.57
CA ALA A 119 8.59 -20.34 15.93
C ALA A 119 8.47 -21.49 16.94
N LYS A 120 8.60 -22.75 16.47
CA LYS A 120 8.53 -23.92 17.37
C LYS A 120 9.90 -24.19 17.97
N ASN A 121 10.99 -23.89 17.21
CA ASN A 121 12.39 -24.10 17.62
C ASN A 121 13.34 -23.06 17.04
N PHE A 122 14.02 -22.32 17.94
CA PHE A 122 14.95 -21.29 17.54
C PHE A 122 16.42 -21.66 17.73
N VAL A 123 17.17 -21.63 16.62
CA VAL A 123 18.62 -21.89 16.63
C VAL A 123 19.27 -20.53 16.94
N GLN A 124 20.52 -20.52 17.41
CA GLN A 124 21.25 -19.27 17.67
C GLN A 124 22.34 -19.20 16.60
N THR A 125 22.71 -18.00 16.14
CA THR A 125 23.75 -17.84 15.11
C THR A 125 24.51 -16.55 15.32
N ASP A 126 25.83 -16.67 15.39
CA ASP A 126 26.71 -15.52 15.55
C ASP A 126 27.15 -15.14 14.13
N LEU A 127 26.97 -13.87 13.78
CA LEU A 127 27.26 -13.34 12.46
C LEU A 127 28.67 -12.78 12.33
N PRO A 128 29.27 -12.83 11.11
CA PRO A 128 30.61 -12.26 10.91
C PRO A 128 30.65 -10.72 10.80
N PHE A 129 29.50 -10.05 10.99
CA PHE A 129 29.33 -8.59 10.86
C PHE A 129 28.25 -8.07 11.82
N HIS A 130 28.20 -6.73 11.98
CA HIS A 130 27.19 -6.10 12.83
C HIS A 130 26.07 -5.56 11.92
N PRO A 131 24.88 -6.21 11.89
CA PRO A 131 23.81 -5.73 11.00
C PRO A 131 23.34 -4.30 11.27
N LEU A 132 23.00 -3.64 10.17
CA LEU A 132 22.55 -2.24 10.05
C LEU A 132 21.08 -2.19 9.60
N THR A 133 20.64 -3.16 8.78
CA THR A 133 19.28 -3.22 8.29
C THR A 133 18.63 -4.52 8.73
N GLN A 134 17.31 -4.59 8.63
CA GLN A 134 16.60 -5.82 8.95
C GLN A 134 16.94 -6.74 7.78
N MET A 135 17.20 -8.00 8.07
CA MET A 135 17.53 -8.94 7.01
C MET A 135 16.31 -9.19 6.10
N MET A 136 16.56 -9.23 4.78
CA MET A 136 15.51 -9.39 3.78
C MET A 136 15.50 -10.76 3.11
N TYR A 137 14.36 -11.43 3.12
CA TYR A 137 14.14 -12.73 2.51
C TYR A 137 13.92 -12.59 0.99
N SER A 138 14.56 -13.44 0.16
CA SER A 138 14.34 -13.39 -1.29
C SER A 138 12.89 -13.80 -1.53
N PRO A 139 12.09 -13.07 -2.32
CA PRO A 139 10.67 -13.47 -2.48
C PRO A 139 10.55 -14.88 -3.06
N GLN A 140 11.46 -15.21 -4.00
CA GLN A 140 11.60 -16.49 -4.71
C GLN A 140 11.99 -17.66 -3.77
N ASN A 141 13.09 -17.48 -2.98
CA ASN A 141 13.67 -18.46 -2.05
C ASN A 141 13.72 -17.95 -0.61
N SER A 142 12.90 -18.55 0.27
CA SER A 142 12.83 -18.22 1.71
C SER A 142 14.15 -18.46 2.49
N ASP A 143 15.06 -19.34 1.96
CA ASP A 143 16.36 -19.65 2.58
C ASP A 143 17.40 -18.57 2.25
N TYR A 144 17.14 -17.73 1.24
CA TYR A 144 18.08 -16.69 0.86
C TYR A 144 17.80 -15.37 1.58
N LEU A 145 18.83 -14.80 2.20
CA LEU A 145 18.75 -13.54 2.93
C LEU A 145 19.83 -12.59 2.45
N LEU A 146 19.62 -11.29 2.69
CA LEU A 146 20.60 -10.24 2.40
C LEU A 146 20.55 -9.23 3.54
N ALA A 147 21.66 -8.51 3.79
CA ALA A 147 21.75 -7.53 4.86
C ALA A 147 22.92 -6.59 4.66
N LEU A 148 22.84 -5.42 5.29
CA LEU A 148 23.90 -4.45 5.28
C LEU A 148 24.56 -4.51 6.66
N SER A 149 25.89 -4.48 6.69
CA SER A 149 26.67 -4.47 7.91
C SER A 149 26.85 -2.97 8.25
N THR A 150 27.22 -2.64 9.48
CA THR A 150 27.46 -1.26 9.91
C THR A 150 28.67 -0.67 9.17
N GLU A 151 29.49 -1.55 8.53
CA GLU A 151 30.68 -1.21 7.74
C GLU A 151 30.29 -0.87 6.28
N ASN A 152 29.03 -1.17 5.91
CA ASN A 152 28.35 -0.94 4.63
C ASN A 152 28.68 -2.02 3.61
N GLY A 153 28.71 -3.25 4.07
CA GLY A 153 28.99 -4.38 3.19
C GLY A 153 27.76 -5.22 2.97
N LEU A 154 27.59 -5.71 1.75
CA LEU A 154 26.44 -6.53 1.41
C LEU A 154 26.70 -8.01 1.66
N TRP A 155 26.06 -8.56 2.69
CA TRP A 155 26.23 -9.95 3.07
C TRP A 155 25.03 -10.74 2.63
N VAL A 156 25.26 -11.89 2.00
CA VAL A 156 24.22 -12.80 1.48
C VAL A 156 24.33 -14.16 2.19
N SER A 157 23.21 -14.92 2.28
CA SER A 157 23.18 -16.23 2.92
C SER A 157 22.32 -17.17 2.08
N LYS A 158 22.71 -18.44 1.93
CA LYS A 158 21.91 -19.39 1.12
C LYS A 158 21.25 -20.46 1.97
N ASN A 159 21.62 -20.53 3.27
CA ASN A 159 21.13 -21.54 4.21
C ASN A 159 20.25 -21.02 5.39
N PHE A 160 19.45 -19.96 5.14
CA PHE A 160 18.55 -19.30 6.11
C PHE A 160 19.35 -18.65 7.24
N GLY A 161 20.39 -17.93 6.87
CA GLY A 161 21.23 -17.18 7.80
C GLY A 161 22.29 -17.90 8.61
N GLY A 162 22.60 -19.16 8.29
CA GLY A 162 23.63 -19.93 8.98
C GLY A 162 25.02 -19.43 8.63
N LYS A 163 25.32 -19.42 7.33
CA LYS A 163 26.60 -18.96 6.77
C LYS A 163 26.39 -17.72 5.91
N TRP A 164 27.18 -16.67 6.20
CA TRP A 164 27.13 -15.36 5.54
C TRP A 164 28.40 -15.01 4.79
N GLU A 165 28.27 -14.62 3.52
CA GLU A 165 29.38 -14.24 2.66
C GLU A 165 29.26 -12.79 2.22
N GLU A 166 30.33 -11.97 2.37
CA GLU A 166 30.33 -10.56 1.98
C GLU A 166 30.55 -10.50 0.46
N ILE A 167 29.47 -10.17 -0.30
CA ILE A 167 29.50 -10.13 -1.77
C ILE A 167 29.97 -8.77 -2.39
N HIS A 168 29.93 -7.67 -1.63
CA HIS A 168 30.40 -6.34 -2.08
C HIS A 168 30.79 -5.56 -0.84
N LYS A 169 31.56 -4.47 -0.97
CA LYS A 169 31.98 -3.80 0.25
C LYS A 169 31.52 -2.35 0.47
N ALA A 170 31.06 -1.61 -0.57
CA ALA A 170 30.62 -0.23 -0.29
C ALA A 170 29.21 0.04 -0.83
N VAL A 171 28.21 -0.65 -0.24
CA VAL A 171 26.80 -0.56 -0.66
C VAL A 171 25.99 0.43 0.20
N CYS A 172 25.04 1.16 -0.46
CA CYS A 172 24.14 2.17 0.12
C CYS A 172 22.75 1.65 0.32
N LEU A 173 22.24 0.89 -0.66
CA LEU A 173 20.90 0.33 -0.66
C LEU A 173 20.89 -0.93 -1.52
N ALA A 174 20.31 -2.02 -1.04
CA ALA A 174 20.25 -3.28 -1.76
C ALA A 174 18.85 -3.86 -1.69
N LYS A 175 18.35 -4.45 -2.79
CA LYS A 175 17.02 -5.01 -2.84
C LYS A 175 16.94 -6.31 -3.62
N TRP A 176 16.06 -7.22 -3.19
CA TRP A 176 15.81 -8.48 -3.89
C TRP A 176 14.86 -8.17 -5.05
N GLY A 177 15.11 -8.79 -6.19
CA GLY A 177 14.27 -8.70 -7.36
C GLY A 177 13.62 -10.05 -7.55
N SER A 178 12.93 -10.26 -8.67
CA SER A 178 12.32 -11.56 -8.93
C SER A 178 13.44 -12.53 -9.38
N ASP A 179 13.25 -13.84 -9.20
CA ASP A 179 14.23 -14.87 -9.56
C ASP A 179 15.63 -14.60 -8.94
N ASN A 180 15.64 -14.40 -7.62
CA ASN A 180 16.78 -14.18 -6.72
C ASN A 180 17.87 -13.16 -7.18
N THR A 181 17.46 -12.08 -7.88
CA THR A 181 18.39 -11.04 -8.36
C THR A 181 18.61 -10.00 -7.25
N ILE A 182 19.80 -9.37 -7.18
CA ILE A 182 20.08 -8.37 -6.15
C ILE A 182 20.49 -7.08 -6.81
N PHE A 183 19.77 -5.98 -6.57
CA PHE A 183 20.13 -4.68 -7.13
C PHE A 183 20.71 -3.86 -5.98
N PHE A 184 21.81 -3.11 -6.21
CA PHE A 184 22.43 -2.31 -5.16
C PHE A 184 23.26 -1.15 -5.65
N THR A 185 23.19 -0.02 -4.94
CA THR A 185 23.96 1.16 -5.22
C THR A 185 25.27 1.05 -4.45
N THR A 186 26.37 1.58 -5.02
CA THR A 186 27.71 1.53 -4.43
C THR A 186 28.40 2.87 -4.53
N TYR A 187 29.11 3.28 -3.47
CA TYR A 187 29.87 4.54 -3.41
C TYR A 187 31.37 4.24 -3.60
N ALA A 188 32.18 5.27 -3.91
CA ALA A 188 33.62 5.09 -4.14
C ALA A 188 34.50 5.91 -3.19
N ASN A 189 34.20 7.22 -3.04
CA ASN A 189 34.95 8.14 -2.20
C ASN A 189 34.50 8.04 -0.74
N GLY A 190 34.01 9.15 -0.18
CA GLY A 190 33.57 9.26 1.21
C GLY A 190 32.57 8.27 1.75
N SER A 191 31.27 8.60 1.61
CA SER A 191 30.18 7.78 2.10
C SER A 191 29.03 7.81 1.11
N CYS A 192 27.82 7.45 1.59
CA CYS A 192 26.59 7.46 0.81
C CYS A 192 26.26 8.93 0.53
N LYS A 193 26.42 9.78 1.55
CA LYS A 193 26.15 11.21 1.55
C LYS A 193 27.14 12.00 0.70
N ALA A 194 28.41 11.57 0.65
CA ALA A 194 29.45 12.25 -0.13
C ALA A 194 29.31 12.02 -1.63
N ASP A 195 28.95 10.78 -2.04
CA ASP A 195 28.75 10.40 -3.44
C ASP A 195 27.26 10.40 -3.84
N LEU A 196 26.46 11.29 -3.20
CA LEU A 196 25.04 11.45 -3.45
C LEU A 196 24.88 11.96 -4.89
N GLY A 197 24.42 11.09 -5.78
CA GLY A 197 24.26 11.40 -7.20
C GLY A 197 25.43 10.94 -8.05
N ALA A 198 26.40 10.24 -7.41
CA ALA A 198 27.59 9.73 -8.08
C ALA A 198 27.84 8.28 -7.72
N LEU A 199 26.75 7.56 -7.42
CA LEU A 199 26.81 6.15 -7.07
C LEU A 199 26.77 5.28 -8.33
N GLU A 200 26.89 3.97 -8.17
CA GLU A 200 26.87 3.04 -9.28
C GLU A 200 25.81 1.98 -9.02
N LEU A 201 24.84 1.85 -9.93
CA LEU A 201 23.85 0.80 -9.74
C LEU A 201 24.40 -0.49 -10.36
N TRP A 202 24.50 -1.54 -9.53
CA TRP A 202 25.02 -2.85 -9.91
C TRP A 202 23.91 -3.90 -9.81
N ARG A 203 24.18 -5.15 -10.23
CA ARG A 203 23.25 -6.27 -10.21
C ARG A 203 23.99 -7.62 -10.20
N THR A 204 23.48 -8.61 -9.44
CA THR A 204 24.05 -9.97 -9.39
C THR A 204 22.93 -10.99 -9.39
N SER A 205 22.90 -11.81 -10.46
CA SER A 205 21.89 -12.85 -10.64
C SER A 205 22.34 -14.19 -10.01
N ASP A 206 23.66 -14.30 -9.81
CA ASP A 206 24.36 -15.48 -9.28
C ASP A 206 24.85 -15.32 -7.82
N LEU A 207 24.15 -14.49 -7.03
CA LEU A 207 24.37 -14.22 -5.62
C LEU A 207 25.81 -13.86 -5.25
N GLY A 208 26.29 -12.78 -5.85
CA GLY A 208 27.63 -12.28 -5.61
C GLY A 208 28.74 -12.90 -6.45
N LYS A 209 28.41 -13.91 -7.31
CA LYS A 209 29.38 -14.59 -8.18
C LYS A 209 29.94 -13.65 -9.23
N SER A 210 29.04 -12.97 -9.99
CA SER A 210 29.31 -12.00 -11.06
C SER A 210 28.60 -10.66 -10.79
N PHE A 211 29.02 -9.57 -11.47
CA PHE A 211 28.41 -8.26 -11.31
C PHE A 211 28.29 -7.50 -12.63
N LYS A 212 27.16 -6.81 -12.82
CA LYS A 212 26.93 -6.03 -14.01
C LYS A 212 26.57 -4.61 -13.61
N THR A 213 27.46 -3.64 -13.85
CA THR A 213 27.19 -2.22 -13.56
C THR A 213 26.10 -1.73 -14.53
N ILE A 214 24.85 -1.68 -14.04
CA ILE A 214 23.68 -1.26 -14.82
C ILE A 214 23.36 0.23 -14.68
N GLY A 215 24.24 1.00 -14.08
CA GLY A 215 23.97 2.44 -13.96
C GLY A 215 25.07 3.21 -13.28
N VAL A 216 25.24 4.49 -13.66
CA VAL A 216 26.24 5.41 -13.08
C VAL A 216 25.65 6.82 -12.99
N LYS A 217 26.29 7.71 -12.19
CA LYS A 217 25.84 9.08 -11.93
C LYS A 217 24.46 8.94 -11.24
N ILE A 218 24.33 7.86 -10.41
CA ILE A 218 23.12 7.43 -9.69
C ILE A 218 22.90 8.14 -8.37
N TYR A 219 21.66 8.60 -8.18
CA TYR A 219 21.21 9.24 -6.96
C TYR A 219 20.57 8.14 -6.11
N SER A 220 19.57 7.40 -6.66
CA SER A 220 18.88 6.31 -5.99
C SER A 220 18.07 5.44 -6.97
N PHE A 221 17.50 4.34 -6.46
CA PHE A 221 16.69 3.41 -7.25
C PHE A 221 15.50 2.85 -6.46
N GLY A 222 14.56 2.28 -7.19
CA GLY A 222 13.36 1.66 -6.64
C GLY A 222 12.66 0.71 -7.60
N LEU A 223 11.99 -0.26 -7.06
CA LEU A 223 11.25 -1.21 -7.88
C LEU A 223 9.76 -0.99 -7.67
N GLY A 224 8.98 -1.19 -8.70
CA GLY A 224 7.54 -1.02 -8.64
C GLY A 224 6.90 -1.72 -9.81
N GLY A 225 6.21 -2.80 -9.55
CA GLY A 225 5.60 -3.60 -10.61
C GLY A 225 6.68 -4.20 -11.49
N ARG A 226 6.44 -4.17 -12.79
CA ARG A 226 7.35 -4.67 -13.82
C ARG A 226 8.59 -3.76 -14.00
N PHE A 227 8.61 -2.58 -13.34
CA PHE A 227 9.63 -1.57 -13.50
C PHE A 227 10.73 -1.48 -12.44
N LEU A 228 11.88 -0.95 -12.90
CA LEU A 228 13.08 -0.65 -12.13
C LEU A 228 13.36 0.77 -12.51
N PHE A 229 13.19 1.66 -11.56
CA PHE A 229 13.40 3.07 -11.71
C PHE A 229 14.71 3.40 -11.07
N ALA A 230 15.41 4.40 -11.62
CA ALA A 230 16.68 4.89 -11.09
C ALA A 230 16.74 6.37 -11.38
N SER A 231 17.04 7.23 -10.37
CA SER A 231 17.18 8.67 -10.66
C SER A 231 18.64 8.91 -10.99
N VAL A 232 18.93 9.50 -12.16
CA VAL A 232 20.26 9.78 -12.70
C VAL A 232 20.51 11.28 -12.68
N MET A 233 21.68 11.66 -12.15
CA MET A 233 22.16 13.03 -11.99
C MET A 233 22.64 13.60 -13.32
N ALA A 234 22.27 14.87 -13.60
CA ALA A 234 22.64 15.58 -14.83
C ALA A 234 24.12 15.97 -14.80
N ASP A 235 24.81 15.77 -15.93
CA ASP A 235 26.24 16.04 -16.10
C ASP A 235 26.52 17.56 -16.02
N LYS A 236 27.41 17.95 -15.08
CA LYS A 236 27.79 19.33 -14.78
C LYS A 236 26.51 20.15 -14.48
N ASP A 237 25.70 19.61 -13.54
CA ASP A 237 24.40 20.13 -13.09
C ASP A 237 23.98 19.56 -11.71
N THR A 238 23.15 20.32 -11.01
CA THR A 238 22.65 20.03 -9.66
C THR A 238 21.27 19.28 -9.67
N THR A 239 20.77 18.94 -10.90
CA THR A 239 19.49 18.26 -11.16
C THR A 239 19.61 16.80 -11.49
N ARG A 240 18.46 16.10 -11.49
CA ARG A 240 18.32 14.66 -11.81
C ARG A 240 16.96 14.34 -12.49
N ARG A 241 16.84 13.13 -13.07
CA ARG A 241 15.60 12.69 -13.70
C ARG A 241 15.40 11.15 -13.69
N ILE A 242 14.18 10.69 -13.97
CA ILE A 242 13.87 9.25 -13.97
C ILE A 242 14.28 8.57 -15.30
N HIS A 243 14.79 7.33 -15.15
CA HIS A 243 15.23 6.38 -16.16
C HIS A 243 14.57 5.04 -15.77
N VAL A 244 13.94 4.39 -16.76
CA VAL A 244 13.20 3.14 -16.56
C VAL A 244 13.75 2.00 -17.40
N SER A 245 13.87 0.82 -16.77
CA SER A 245 14.28 -0.44 -17.33
C SER A 245 13.20 -1.47 -16.96
N THR A 246 12.82 -2.34 -17.91
CA THR A 246 11.82 -3.39 -17.71
C THR A 246 12.40 -4.78 -17.99
N ASP A 247 13.74 -4.84 -18.17
CA ASP A 247 14.50 -6.06 -18.45
C ASP A 247 15.62 -6.31 -17.42
N GLN A 248 15.40 -5.82 -16.18
CA GLN A 248 16.28 -5.93 -15.03
C GLN A 248 17.62 -5.16 -15.23
N GLY A 249 17.56 -3.98 -15.83
CA GLY A 249 18.75 -3.15 -16.02
C GLY A 249 19.49 -3.23 -17.33
N ASP A 250 19.25 -4.29 -18.15
CA ASP A 250 19.89 -4.48 -19.45
C ASP A 250 19.71 -3.27 -20.38
N THR A 251 18.45 -2.80 -20.62
CA THR A 251 18.18 -1.62 -21.47
C THR A 251 17.53 -0.48 -20.67
N TRP A 252 17.98 0.75 -20.89
CA TRP A 252 17.46 1.91 -20.19
C TRP A 252 16.83 2.94 -21.12
N SER A 253 15.83 3.66 -20.61
CA SER A 253 15.12 4.70 -21.35
C SER A 253 14.79 5.81 -20.39
N MET A 254 14.90 7.04 -20.84
CA MET A 254 14.60 8.22 -20.04
C MET A 254 13.07 8.38 -19.97
N ALA A 255 12.50 8.49 -18.75
CA ALA A 255 11.06 8.66 -18.59
C ALA A 255 10.69 10.06 -19.07
N GLN A 256 9.48 10.21 -19.63
CA GLN A 256 8.97 11.49 -20.12
C GLN A 256 8.35 12.19 -18.89
N LEU A 257 9.23 12.73 -18.03
CA LEU A 257 8.88 13.40 -16.77
C LEU A 257 9.78 14.62 -16.52
N PRO A 258 9.30 15.65 -15.78
CA PRO A 258 10.17 16.80 -15.48
C PRO A 258 11.38 16.41 -14.66
N SER A 259 12.51 17.11 -14.86
CA SER A 259 13.70 16.87 -14.05
C SER A 259 13.48 17.58 -12.71
N VAL A 260 14.26 17.24 -11.68
CA VAL A 260 14.07 17.91 -10.38
C VAL A 260 15.40 18.38 -9.80
N GLY A 261 15.34 19.29 -8.83
CA GLY A 261 16.49 19.81 -8.10
C GLY A 261 16.83 18.94 -6.90
N GLN A 262 17.72 19.41 -6.01
CA GLN A 262 18.11 18.62 -4.83
C GLN A 262 17.06 18.63 -3.72
N GLU A 263 16.24 19.70 -3.68
CA GLU A 263 15.21 19.89 -2.68
C GLU A 263 13.85 19.33 -3.09
N GLN A 264 13.82 18.50 -4.14
CA GLN A 264 12.61 17.86 -4.66
C GLN A 264 12.77 16.34 -4.71
N PHE A 265 11.65 15.60 -4.85
CA PHE A 265 11.71 14.14 -4.94
C PHE A 265 10.72 13.62 -5.98
N TYR A 266 10.79 12.30 -6.20
CA TYR A 266 9.96 11.45 -7.02
C TYR A 266 9.47 10.36 -6.06
N SER A 267 8.18 10.09 -6.01
CA SER A 267 7.65 9.05 -5.14
C SER A 267 6.81 8.06 -5.98
N ILE A 268 6.98 6.73 -5.77
CA ILE A 268 6.15 5.76 -6.50
C ILE A 268 4.88 5.62 -5.65
N LEU A 269 3.85 6.37 -6.00
CA LEU A 269 2.59 6.29 -5.25
C LEU A 269 1.98 4.88 -5.30
N ALA A 270 2.02 4.24 -6.47
CA ALA A 270 1.48 2.91 -6.74
C ALA A 270 2.06 2.44 -8.07
N ALA A 271 2.30 1.14 -8.15
CA ALA A 271 2.84 0.49 -9.35
C ALA A 271 2.37 -0.97 -9.43
N ASN A 272 2.13 -1.43 -10.65
CA ASN A 272 1.71 -2.80 -10.88
C ASN A 272 2.32 -3.37 -12.20
N ASP A 273 1.71 -4.44 -12.71
CA ASP A 273 2.17 -5.05 -13.93
C ASP A 273 1.80 -4.26 -15.20
N ASP A 274 0.88 -3.27 -15.11
CA ASP A 274 0.48 -2.44 -16.25
C ASP A 274 1.07 -1.02 -16.25
N MET A 275 1.09 -0.30 -15.10
CA MET A 275 1.57 1.08 -15.02
C MET A 275 2.04 1.52 -13.63
N VAL A 276 2.39 2.84 -13.50
CA VAL A 276 2.83 3.52 -12.28
C VAL A 276 2.12 4.87 -12.10
N PHE A 277 1.96 5.25 -10.83
CA PHE A 277 1.43 6.53 -10.37
C PHE A 277 2.68 7.16 -9.75
N MET A 278 3.18 8.23 -10.39
CA MET A 278 4.37 8.90 -9.94
C MET A 278 4.08 10.30 -9.44
N HIS A 279 4.48 10.60 -8.18
CA HIS A 279 4.32 11.92 -7.61
C HIS A 279 5.60 12.65 -7.84
N VAL A 280 5.54 13.78 -8.60
CA VAL A 280 6.71 14.63 -8.84
C VAL A 280 6.54 15.84 -7.93
N ASP A 281 7.55 16.10 -7.05
CA ASP A 281 7.48 17.24 -6.12
C ASP A 281 7.60 18.60 -6.78
N GLU A 282 6.76 19.55 -6.36
CA GLU A 282 6.75 20.91 -6.87
C GLU A 282 7.94 21.70 -6.30
N PRO A 283 8.68 22.42 -7.21
CA PRO A 283 9.86 23.20 -6.80
C PRO A 283 9.60 24.20 -5.69
N GLY A 284 10.41 24.07 -4.62
CA GLY A 284 10.35 24.90 -3.42
C GLY A 284 9.28 24.47 -2.45
N ASP A 285 9.63 24.29 -1.15
CA ASP A 285 8.75 23.89 -0.04
C ASP A 285 7.28 24.36 -0.23
N THR A 286 6.46 23.49 -0.86
CA THR A 286 5.04 23.73 -1.15
C THR A 286 4.15 22.77 -0.38
N GLY A 287 4.66 21.57 -0.11
CA GLY A 287 3.91 20.54 0.61
C GLY A 287 2.92 19.79 -0.28
N PHE A 288 3.12 19.92 -1.61
CA PHE A 288 2.34 19.31 -2.67
C PHE A 288 3.19 19.10 -3.95
N GLY A 289 2.67 18.28 -4.85
CA GLY A 289 3.24 17.93 -6.13
C GLY A 289 2.15 17.62 -7.16
N THR A 290 2.55 16.91 -8.20
CA THR A 290 1.70 16.58 -9.32
C THR A 290 1.83 15.11 -9.59
N ILE A 291 0.68 14.43 -9.77
CA ILE A 291 0.63 13.00 -10.11
C ILE A 291 0.69 12.86 -11.63
N PHE A 292 1.49 11.88 -12.10
CA PHE A 292 1.71 11.48 -13.49
C PHE A 292 1.40 9.99 -13.56
N THR A 293 0.59 9.58 -14.54
CA THR A 293 0.18 8.17 -14.77
C THR A 293 1.01 7.65 -15.95
N SER A 294 1.62 6.49 -15.86
CA SER A 294 2.45 6.04 -16.97
C SER A 294 1.77 5.16 -17.97
N ASP A 295 2.46 4.93 -19.09
CA ASP A 295 2.04 4.02 -20.14
C ASP A 295 2.54 2.62 -19.71
N ASP A 296 2.31 1.58 -20.51
CA ASP A 296 2.70 0.21 -20.17
C ASP A 296 4.21 -0.05 -20.28
N ARG A 297 4.97 0.99 -20.62
CA ARG A 297 6.41 0.89 -20.77
C ARG A 297 7.09 1.63 -19.63
N GLY A 298 6.33 2.49 -18.95
CA GLY A 298 6.80 3.31 -17.85
C GLY A 298 7.58 4.49 -18.39
N ILE A 299 7.47 4.72 -19.70
CA ILE A 299 8.18 5.79 -20.39
C ILE A 299 7.31 7.04 -20.53
N VAL A 300 6.12 6.92 -21.17
CA VAL A 300 5.25 8.08 -21.41
C VAL A 300 4.37 8.33 -20.23
N TYR A 301 4.32 9.61 -19.79
CA TYR A 301 3.57 10.08 -18.62
C TYR A 301 2.50 11.12 -18.94
N SER A 302 1.30 10.87 -18.44
CA SER A 302 0.14 11.75 -18.58
C SER A 302 -0.09 12.49 -17.25
N LYS A 303 -0.21 13.79 -17.27
CA LYS A 303 -0.44 14.56 -16.05
C LYS A 303 -1.86 14.23 -15.56
N SER A 304 -1.96 13.46 -14.44
CA SER A 304 -3.23 13.04 -13.86
C SER A 304 -3.86 14.00 -12.83
N LEU A 305 -3.08 14.50 -11.85
CA LEU A 305 -3.59 15.34 -10.76
C LEU A 305 -2.62 16.43 -10.27
N ASP A 306 -3.17 17.64 -10.07
CA ASP A 306 -2.47 18.84 -9.65
C ASP A 306 -2.69 19.18 -8.20
N ARG A 307 -1.64 19.81 -7.61
CA ARG A 307 -1.60 20.27 -6.24
C ARG A 307 -1.98 19.14 -5.31
N HIS A 308 -1.35 17.97 -5.55
CA HIS A 308 -1.59 16.77 -4.77
C HIS A 308 -0.72 16.84 -3.51
N LEU A 309 -1.38 16.97 -2.39
CA LEU A 309 -0.85 17.01 -1.03
C LEU A 309 0.03 15.81 -0.69
N TYR A 310 1.28 16.10 -0.39
CA TYR A 310 2.34 15.17 0.00
C TYR A 310 3.37 16.02 0.73
N THR A 311 3.41 15.94 2.08
CA THR A 311 4.29 16.76 2.91
C THR A 311 5.79 16.60 2.72
N THR A 312 6.46 17.77 2.68
CA THR A 312 7.90 18.00 2.55
C THR A 312 8.67 17.37 3.75
N THR A 313 8.13 17.50 4.98
CA THR A 313 8.75 16.92 6.18
C THR A 313 7.87 15.80 6.72
N GLY A 314 8.39 14.58 6.68
CA GLY A 314 7.62 13.44 7.15
C GLY A 314 7.09 12.57 6.04
N GLY A 315 6.82 13.16 4.85
CA GLY A 315 6.34 12.46 3.65
C GLY A 315 5.01 11.76 3.80
N GLU A 316 4.01 12.51 4.27
CA GLU A 316 2.66 12.01 4.47
C GLU A 316 1.84 12.33 3.27
N THR A 317 1.01 11.38 2.83
CA THR A 317 0.09 11.51 1.71
C THR A 317 -1.18 10.67 1.98
N ASP A 318 -2.35 11.21 1.58
CA ASP A 318 -3.61 10.51 1.77
C ASP A 318 -3.90 9.63 0.55
N PHE A 319 -2.90 9.47 -0.40
CA PHE A 319 -3.01 8.65 -1.62
C PHE A 319 -3.31 7.23 -1.19
N THR A 320 -4.44 6.68 -1.66
CA THR A 320 -4.96 5.38 -1.28
C THR A 320 -5.49 4.62 -2.49
N ASN A 321 -5.28 3.30 -2.51
CA ASN A 321 -5.82 2.43 -3.52
C ASN A 321 -7.06 1.81 -2.87
N VAL A 322 -8.26 2.09 -3.43
CA VAL A 322 -9.50 1.48 -2.92
C VAL A 322 -9.41 0.09 -3.55
N THR A 323 -8.76 -0.84 -2.79
CA THR A 323 -8.46 -2.20 -3.22
C THR A 323 -9.69 -3.10 -3.41
N SER A 324 -10.90 -2.65 -3.00
CA SER A 324 -12.16 -3.42 -3.15
C SER A 324 -12.95 -3.11 -4.42
N LEU A 325 -12.38 -2.32 -5.34
CA LEU A 325 -12.96 -2.05 -6.64
C LEU A 325 -11.92 -1.57 -7.61
N ARG A 326 -11.76 -2.32 -8.72
CA ARG A 326 -10.79 -2.11 -9.82
C ARG A 326 -10.89 -0.72 -10.43
N GLY A 327 -9.76 -0.03 -10.49
CA GLY A 327 -9.57 1.30 -11.05
C GLY A 327 -9.80 2.48 -10.11
N VAL A 328 -10.21 2.22 -8.81
CA VAL A 328 -10.57 3.25 -7.81
C VAL A 328 -9.44 3.63 -6.84
N TYR A 329 -9.07 4.92 -6.81
CA TYR A 329 -8.05 5.49 -5.93
C TYR A 329 -8.57 6.82 -5.41
N ILE A 330 -8.28 7.14 -4.14
CA ILE A 330 -8.65 8.39 -3.47
C ILE A 330 -7.37 9.05 -2.96
N THR A 331 -7.37 10.40 -2.91
CA THR A 331 -6.27 11.23 -2.42
C THR A 331 -6.79 12.63 -2.05
N SER A 332 -5.89 13.45 -1.52
CA SER A 332 -6.12 14.81 -1.07
C SER A 332 -5.35 15.80 -1.91
N VAL A 333 -6.04 16.85 -2.31
CA VAL A 333 -5.47 17.92 -3.14
C VAL A 333 -5.49 19.19 -2.33
N LEU A 334 -4.57 20.10 -2.62
CA LEU A 334 -4.52 21.36 -1.95
C LEU A 334 -5.14 22.48 -2.83
N SER A 335 -6.24 23.07 -2.32
CA SER A 335 -6.96 24.15 -2.98
C SER A 335 -6.16 25.45 -2.95
N GLU A 336 -6.39 26.35 -3.95
CA GLU A 336 -5.72 27.68 -4.05
C GLU A 336 -5.90 28.49 -2.75
N ASP A 337 -7.07 28.35 -2.10
CA ASP A 337 -7.51 28.97 -0.84
C ASP A 337 -7.00 28.24 0.44
N ASN A 338 -5.94 27.41 0.29
CA ASN A 338 -5.25 26.61 1.32
C ASN A 338 -6.14 25.69 2.19
N SER A 339 -7.13 25.06 1.55
CA SER A 339 -8.00 24.09 2.20
C SER A 339 -7.67 22.74 1.54
N ILE A 340 -7.99 21.64 2.22
CA ILE A 340 -7.71 20.34 1.65
C ILE A 340 -9.03 19.64 1.24
N GLN A 341 -9.14 19.24 -0.06
CA GLN A 341 -10.29 18.49 -0.58
C GLN A 341 -9.88 17.09 -0.97
N THR A 342 -10.77 16.11 -0.77
CA THR A 342 -10.53 14.71 -1.17
C THR A 342 -11.11 14.50 -2.58
N MET A 343 -10.31 13.90 -3.49
CA MET A 343 -10.66 13.55 -4.88
C MET A 343 -10.70 12.01 -5.05
N ILE A 344 -11.54 11.53 -5.96
CA ILE A 344 -11.63 10.11 -6.24
C ILE A 344 -11.56 9.85 -7.74
N THR A 345 -10.77 8.82 -8.16
CA THR A 345 -10.69 8.39 -9.56
C THR A 345 -11.28 7.01 -9.64
N PHE A 346 -12.16 6.80 -10.60
CA PHE A 346 -12.82 5.52 -10.80
C PHE A 346 -12.22 4.79 -11.98
N ASP A 347 -11.36 5.45 -12.75
CA ASP A 347 -10.75 4.92 -13.96
C ASP A 347 -9.22 5.05 -14.01
N GLN A 348 -8.51 4.50 -13.02
CA GLN A 348 -7.04 4.58 -12.98
C GLN A 348 -6.43 6.04 -13.19
N GLY A 349 -7.00 7.01 -12.47
CA GLY A 349 -6.53 8.39 -12.52
C GLY A 349 -6.70 9.06 -13.86
N GLY A 350 -7.73 8.63 -14.60
CA GLY A 350 -8.03 9.22 -15.90
C GLY A 350 -8.74 10.52 -15.64
N ARG A 351 -9.75 10.45 -14.80
CA ARG A 351 -10.59 11.55 -14.40
C ARG A 351 -10.76 11.48 -12.87
N TRP A 352 -10.56 12.66 -12.19
CA TRP A 352 -10.69 12.87 -10.75
C TRP A 352 -11.86 13.80 -10.54
N THR A 353 -12.53 13.70 -9.41
CA THR A 353 -13.74 14.41 -9.06
C THR A 353 -13.97 14.32 -7.55
N HIS A 354 -14.92 15.08 -6.97
CA HIS A 354 -15.24 15.02 -5.54
C HIS A 354 -16.06 13.76 -5.24
N LEU A 355 -16.09 13.36 -3.97
CA LEU A 355 -16.85 12.19 -3.51
C LEU A 355 -18.26 12.66 -3.24
N ARG A 356 -19.23 11.91 -3.70
CA ARG A 356 -20.62 12.28 -3.51
C ARG A 356 -20.96 12.12 -2.03
N LYS A 357 -21.48 13.20 -1.43
CA LYS A 357 -21.90 13.20 -0.02
C LYS A 357 -23.08 12.24 0.18
N PRO A 358 -23.18 11.62 1.38
CA PRO A 358 -24.29 10.70 1.64
C PRO A 358 -25.63 11.41 1.59
N GLU A 359 -26.67 10.76 1.03
CA GLU A 359 -28.02 11.31 0.87
C GLU A 359 -28.56 12.09 2.10
N ASN A 360 -28.68 11.39 3.24
CA ASN A 360 -29.20 11.92 4.49
C ASN A 360 -28.13 12.54 5.40
N SER A 361 -27.31 13.42 4.83
CA SER A 361 -26.27 14.12 5.58
C SER A 361 -26.33 15.60 5.25
N GLU A 362 -26.05 16.45 6.26
CA GLU A 362 -26.07 17.90 6.10
C GLU A 362 -24.65 18.41 5.99
N CYS A 363 -24.50 19.51 5.26
CA CYS A 363 -23.24 20.18 5.04
C CYS A 363 -22.79 20.90 6.30
N ASP A 364 -21.49 20.83 6.61
CA ASP A 364 -20.93 21.46 7.79
C ASP A 364 -20.52 22.90 7.50
N ALA A 365 -20.02 23.60 8.54
CA ALA A 365 -19.55 24.99 8.55
C ALA A 365 -18.43 25.30 7.56
N THR A 366 -17.85 24.25 6.97
CA THR A 366 -16.76 24.39 6.02
C THR A 366 -17.34 24.68 4.63
N ALA A 367 -18.63 24.32 4.42
CA ALA A 367 -19.40 24.48 3.18
C ALA A 367 -20.18 25.79 3.05
N LYS A 368 -19.99 26.52 1.91
CA LYS A 368 -20.71 27.78 1.59
C LYS A 368 -22.23 27.54 1.40
N ASN A 369 -22.63 26.47 0.68
CA ASN A 369 -24.02 26.10 0.44
C ASN A 369 -24.42 24.98 1.42
N LYS A 370 -25.45 25.20 2.25
CA LYS A 370 -25.93 24.21 3.24
C LYS A 370 -26.65 22.99 2.62
N ASN A 371 -26.90 23.03 1.28
CA ASN A 371 -27.55 21.96 0.52
C ASN A 371 -26.54 21.12 -0.25
N GLU A 372 -25.63 21.80 -1.00
CA GLU A 372 -24.62 21.19 -1.87
C GLU A 372 -23.17 21.20 -1.36
N CYS A 373 -22.57 20.00 -1.25
CA CYS A 373 -21.18 19.74 -0.83
C CYS A 373 -20.74 18.27 -1.11
N SER A 374 -19.52 17.89 -0.65
CA SER A 374 -18.94 16.57 -0.86
C SER A 374 -18.54 15.82 0.43
N LEU A 375 -17.97 14.60 0.28
CA LEU A 375 -17.44 13.79 1.38
C LEU A 375 -15.93 13.90 1.27
N HIS A 376 -15.28 14.08 2.40
CA HIS A 376 -13.84 14.25 2.48
C HIS A 376 -13.31 13.17 3.40
N ILE A 377 -12.23 12.54 3.02
CA ILE A 377 -11.72 11.42 3.81
C ILE A 377 -10.52 11.83 4.61
N HIS A 378 -10.41 11.28 5.82
CA HIS A 378 -9.30 11.51 6.74
C HIS A 378 -8.34 10.32 6.54
N ALA A 379 -7.08 10.61 6.18
CA ALA A 379 -6.11 9.52 6.01
C ALA A 379 -4.78 9.91 6.65
N SER A 380 -3.62 9.39 6.12
CA SER A 380 -2.28 9.66 6.67
C SER A 380 -2.04 11.09 7.06
N TYR A 381 -2.51 12.06 6.26
CA TYR A 381 -2.28 13.45 6.59
C TYR A 381 -3.07 13.93 7.79
N SER A 382 -4.41 13.68 7.85
CA SER A 382 -5.22 14.12 9.01
C SER A 382 -4.62 13.55 10.26
N ILE A 383 -4.33 12.21 10.26
CA ILE A 383 -3.69 11.51 11.38
C ILE A 383 -2.43 12.26 11.84
N SER A 384 -1.53 12.62 10.88
CA SER A 384 -0.28 13.33 11.16
C SER A 384 -0.51 14.64 11.90
N GLN A 385 -1.54 15.41 11.52
CA GLN A 385 -1.86 16.68 12.17
C GLN A 385 -2.56 16.50 13.51
N LYS A 386 -2.33 15.35 14.15
CA LYS A 386 -2.88 14.96 15.44
C LYS A 386 -4.40 15.22 15.55
N LEU A 387 -5.12 14.99 14.46
CA LEU A 387 -6.57 15.12 14.44
C LEU A 387 -7.11 13.82 15.11
N ASN A 388 -8.37 13.84 15.56
CA ASN A 388 -9.00 12.68 16.21
C ASN A 388 -9.41 11.59 15.24
N VAL A 389 -8.42 11.05 14.53
CA VAL A 389 -8.59 9.97 13.54
C VAL A 389 -7.82 8.75 14.04
N PRO A 390 -8.50 7.74 14.58
CA PRO A 390 -7.77 6.57 15.09
C PRO A 390 -7.36 5.55 14.00
N MET A 391 -7.96 5.62 12.79
CA MET A 391 -7.70 4.71 11.67
C MET A 391 -7.85 5.33 10.28
N ALA A 392 -6.97 4.91 9.35
CA ALA A 392 -6.99 5.38 7.96
C ALA A 392 -8.06 4.66 7.15
N PRO A 393 -8.44 5.07 5.90
CA PRO A 393 -9.49 4.32 5.18
C PRO A 393 -9.12 2.86 5.03
N LEU A 394 -10.12 1.95 5.04
CA LEU A 394 -9.89 0.52 4.91
C LEU A 394 -10.79 -0.14 3.92
N SER A 395 -10.16 -0.98 3.08
CA SER A 395 -10.78 -1.77 2.04
C SER A 395 -9.96 -3.05 1.88
N GLU A 396 -10.65 -4.18 1.65
CA GLU A 396 -10.02 -5.48 1.41
C GLU A 396 -10.44 -5.96 0.01
N PRO A 397 -9.54 -6.59 -0.78
CA PRO A 397 -9.92 -7.04 -2.14
C PRO A 397 -10.99 -8.10 -2.24
N ASN A 398 -11.08 -8.98 -1.19
CA ASN A 398 -12.03 -10.09 -1.08
C ASN A 398 -13.45 -9.63 -0.70
N ALA A 399 -13.56 -8.47 -0.02
CA ALA A 399 -14.86 -7.89 0.33
C ALA A 399 -15.11 -6.84 -0.75
N VAL A 400 -15.70 -7.27 -1.85
CA VAL A 400 -16.03 -6.43 -3.01
C VAL A 400 -16.84 -5.18 -2.63
N GLY A 401 -16.43 -4.02 -3.18
CA GLY A 401 -17.06 -2.71 -3.02
C GLY A 401 -16.97 -1.97 -1.70
N ILE A 402 -16.80 -2.69 -0.58
CA ILE A 402 -16.74 -2.10 0.75
C ILE A 402 -15.50 -1.24 0.97
N VAL A 403 -15.73 0.03 1.37
CA VAL A 403 -14.70 1.02 1.77
C VAL A 403 -15.20 1.61 3.09
N ILE A 404 -14.35 1.64 4.13
CA ILE A 404 -14.69 2.20 5.44
C ILE A 404 -13.69 3.34 5.72
N ALA A 405 -14.16 4.52 6.17
CA ALA A 405 -13.25 5.64 6.45
C ALA A 405 -13.85 6.66 7.40
N HIS A 406 -13.02 7.46 8.07
CA HIS A 406 -13.47 8.55 8.93
C HIS A 406 -13.55 9.71 7.97
N GLY A 407 -14.73 10.32 7.87
CA GLY A 407 -14.90 11.42 6.95
C GLY A 407 -15.42 12.68 7.59
N SER A 408 -15.66 13.66 6.73
CA SER A 408 -16.19 15.01 6.98
C SER A 408 -16.98 15.42 5.70
N VAL A 409 -18.30 15.73 5.86
CA VAL A 409 -19.21 16.18 4.78
C VAL A 409 -19.18 17.73 4.73
N GLY A 410 -18.58 18.28 3.69
CA GLY A 410 -18.46 19.72 3.49
C GLY A 410 -17.61 20.07 2.30
N ASP A 411 -17.07 21.27 2.28
CA ASP A 411 -16.25 21.76 1.18
C ASP A 411 -14.79 21.41 1.28
N ALA A 412 -14.35 20.94 2.45
CA ALA A 412 -12.97 20.52 2.69
C ALA A 412 -12.93 19.65 3.95
N ILE A 413 -11.71 19.15 4.27
CA ILE A 413 -11.48 18.32 5.45
C ILE A 413 -11.54 19.30 6.62
N SER A 414 -12.46 19.02 7.56
CA SER A 414 -12.66 19.80 8.76
C SER A 414 -11.84 19.21 9.93
N VAL A 415 -11.60 20.05 10.96
CA VAL A 415 -10.85 19.72 12.16
C VAL A 415 -11.74 19.06 13.20
N MET A 416 -13.08 19.09 12.99
CA MET A 416 -14.10 18.49 13.87
C MET A 416 -13.85 16.98 14.13
N VAL A 417 -14.49 16.40 15.15
CA VAL A 417 -14.31 14.98 15.51
C VAL A 417 -15.16 14.11 14.54
N PRO A 418 -14.46 13.38 13.62
CA PRO A 418 -15.16 12.60 12.58
C PRO A 418 -16.02 11.41 12.92
N ASP A 419 -17.07 11.22 12.11
CA ASP A 419 -17.95 10.07 12.19
C ASP A 419 -17.38 9.11 11.16
N VAL A 420 -17.90 7.86 11.14
CA VAL A 420 -17.40 6.85 10.21
C VAL A 420 -18.36 6.68 9.01
N TYR A 421 -17.79 6.60 7.80
CA TYR A 421 -18.57 6.45 6.58
C TYR A 421 -18.21 5.14 5.83
N ILE A 422 -19.24 4.51 5.25
CA ILE A 422 -19.11 3.28 4.49
C ILE A 422 -19.71 3.44 3.07
N SER A 423 -19.07 2.74 2.11
CA SER A 423 -19.50 2.66 0.72
C SER A 423 -19.53 1.19 0.53
N ASP A 424 -20.52 0.72 -0.23
CA ASP A 424 -20.68 -0.68 -0.56
C ASP A 424 -20.45 -0.87 -2.08
N ASP A 425 -20.13 0.22 -2.81
CA ASP A 425 -19.92 0.16 -4.26
C ASP A 425 -18.61 0.80 -4.77
N GLY A 426 -17.56 0.72 -3.95
CA GLY A 426 -16.24 1.24 -4.28
C GLY A 426 -16.11 2.75 -4.31
N GLY A 427 -16.90 3.49 -3.53
CA GLY A 427 -16.77 4.94 -3.44
C GLY A 427 -17.64 5.77 -4.35
N TYR A 428 -18.62 5.15 -5.00
CA TYR A 428 -19.53 5.88 -5.87
C TYR A 428 -20.61 6.52 -4.93
N SER A 429 -21.09 5.77 -3.95
CA SER A 429 -22.10 6.25 -3.02
C SER A 429 -21.68 5.95 -1.59
N TRP A 430 -21.98 6.89 -0.68
CA TRP A 430 -21.64 6.76 0.72
C TRP A 430 -22.82 6.86 1.66
N THR A 431 -22.59 6.49 2.93
CA THR A 431 -23.59 6.44 4.00
C THR A 431 -22.88 6.44 5.33
N LYS A 432 -23.41 7.18 6.32
CA LYS A 432 -22.80 7.18 7.65
C LYS A 432 -22.94 5.79 8.29
N MET A 433 -21.80 5.15 8.57
CA MET A 433 -21.79 3.82 9.19
C MET A 433 -22.04 3.93 10.71
N LEU A 434 -21.18 4.68 11.42
CA LEU A 434 -21.25 4.93 12.85
C LEU A 434 -20.94 6.38 13.12
N GLU A 435 -21.32 6.88 14.30
CA GLU A 435 -21.06 8.27 14.64
C GLU A 435 -19.93 8.27 15.61
N GLY A 436 -19.00 9.21 15.41
CA GLY A 436 -17.80 9.37 16.22
C GLY A 436 -16.70 8.42 15.80
N PRO A 437 -15.43 8.70 16.11
CA PRO A 437 -14.37 7.76 15.67
C PRO A 437 -14.48 6.35 16.26
N HIS A 438 -14.00 5.39 15.45
CA HIS A 438 -13.99 3.98 15.74
C HIS A 438 -12.80 3.32 15.08
N TYR A 439 -12.54 2.07 15.46
CA TYR A 439 -11.51 1.21 14.92
C TYR A 439 -12.35 0.14 14.25
N TYR A 440 -12.02 -0.23 13.02
CA TYR A 440 -12.78 -1.21 12.26
C TYR A 440 -11.92 -2.30 11.60
N THR A 441 -12.56 -3.45 11.34
CA THR A 441 -11.95 -4.64 10.75
C THR A 441 -12.99 -5.36 9.88
N ILE A 442 -12.53 -5.99 8.78
CA ILE A 442 -13.41 -6.71 7.87
C ILE A 442 -13.13 -8.19 7.95
N LEU A 443 -14.00 -8.91 8.65
CA LEU A 443 -13.85 -10.35 8.80
C LEU A 443 -14.70 -11.07 7.76
N ASP A 444 -14.30 -12.31 7.44
CA ASP A 444 -14.96 -13.22 6.50
C ASP A 444 -15.37 -12.60 5.15
N SER A 445 -14.41 -12.00 4.43
CA SER A 445 -14.60 -11.37 3.12
C SER A 445 -15.92 -10.54 3.05
N GLY A 446 -16.16 -9.72 4.08
CA GLY A 446 -17.35 -8.89 4.20
C GLY A 446 -18.53 -9.50 4.95
N GLY A 447 -18.33 -10.70 5.48
CA GLY A 447 -19.36 -11.41 6.22
C GLY A 447 -19.68 -10.75 7.54
N ILE A 448 -18.65 -10.20 8.20
CA ILE A 448 -18.72 -9.50 9.49
C ILE A 448 -17.84 -8.26 9.39
N ILE A 449 -18.38 -7.13 9.85
CA ILE A 449 -17.66 -5.86 9.98
C ILE A 449 -17.66 -5.70 11.50
N VAL A 450 -16.52 -5.35 12.08
CA VAL A 450 -16.41 -5.20 13.52
C VAL A 450 -15.92 -3.77 13.86
N ALA A 451 -16.42 -3.17 14.96
CA ALA A 451 -16.09 -1.81 15.41
C ALA A 451 -15.91 -1.67 16.96
N ILE A 452 -15.01 -0.77 17.38
CA ILE A 452 -14.67 -0.46 18.76
C ILE A 452 -14.60 1.05 18.80
N GLU A 453 -15.25 1.67 19.80
CA GLU A 453 -15.29 3.12 19.94
C GLU A 453 -13.94 3.71 20.32
N HIS A 454 -13.62 4.90 19.76
CA HIS A 454 -12.37 5.56 20.10
C HIS A 454 -12.69 6.48 21.26
N SER A 455 -12.41 6.01 22.49
CA SER A 455 -12.71 6.78 23.70
C SER A 455 -11.46 7.28 24.43
N SER A 456 -11.63 8.29 25.31
CA SER A 456 -10.50 8.80 26.12
C SER A 456 -10.43 8.03 27.47
N ARG A 457 -11.52 7.26 27.76
CA ARG A 457 -11.72 6.44 28.96
C ARG A 457 -11.98 4.96 28.61
N PRO A 458 -11.75 3.96 29.53
CA PRO A 458 -11.95 2.54 29.18
C PRO A 458 -13.29 2.14 28.55
N ILE A 459 -13.23 1.08 27.74
CA ILE A 459 -14.35 0.48 27.03
C ILE A 459 -14.37 -0.99 27.37
N ASN A 460 -15.55 -1.61 27.23
CA ASN A 460 -15.73 -3.04 27.49
C ASN A 460 -16.66 -3.63 26.44
N VAL A 461 -16.94 -2.83 25.38
CA VAL A 461 -17.87 -3.19 24.30
C VAL A 461 -17.23 -3.23 22.87
N ILE A 462 -17.80 -4.09 21.99
CA ILE A 462 -17.52 -4.31 20.56
C ILE A 462 -18.86 -4.27 19.79
N LYS A 463 -18.85 -3.73 18.58
CA LYS A 463 -20.03 -3.63 17.74
C LYS A 463 -19.82 -4.47 16.47
N PHE A 464 -20.83 -5.25 16.04
CA PHE A 464 -20.70 -6.09 14.84
C PHE A 464 -21.85 -5.87 13.85
N SER A 465 -21.65 -6.23 12.56
CA SER A 465 -22.64 -6.09 11.48
C SER A 465 -22.53 -7.23 10.48
N THR A 466 -23.67 -7.81 10.06
CA THR A 466 -23.69 -8.95 9.12
C THR A 466 -24.38 -8.58 7.80
N ASP A 467 -24.64 -7.26 7.64
CA ASP A 467 -25.29 -6.74 6.44
C ASP A 467 -24.51 -5.57 5.82
N GLU A 468 -23.17 -5.59 5.97
CA GLU A 468 -22.23 -4.59 5.44
C GLU A 468 -22.43 -3.18 6.02
N GLY A 469 -22.40 -3.09 7.36
CA GLY A 469 -22.51 -1.84 8.10
C GLY A 469 -23.82 -1.07 8.07
N GLN A 470 -24.90 -1.68 7.55
CA GLN A 470 -26.22 -1.05 7.49
C GLN A 470 -26.93 -1.14 8.86
N CYS A 471 -26.68 -2.26 9.58
CA CYS A 471 -27.25 -2.56 10.89
C CYS A 471 -26.22 -3.15 11.82
N TRP A 472 -26.06 -2.51 12.98
CA TRP A 472 -25.10 -2.85 14.02
C TRP A 472 -25.71 -3.50 15.28
N GLN A 473 -24.86 -4.14 16.12
CA GLN A 473 -25.22 -4.82 17.36
C GLN A 473 -24.12 -4.80 18.40
N THR A 474 -24.44 -4.25 19.56
CA THR A 474 -23.51 -4.10 20.67
C THR A 474 -23.36 -5.43 21.45
N TYR A 475 -22.12 -5.73 21.89
CA TYR A 475 -21.77 -6.93 22.65
C TYR A 475 -20.72 -6.61 23.70
N THR A 476 -20.87 -7.17 24.92
CA THR A 476 -19.94 -6.98 26.02
C THR A 476 -19.03 -8.21 26.10
N PHE A 477 -17.73 -8.00 25.93
CA PHE A 477 -16.74 -9.06 25.95
C PHE A 477 -16.04 -9.22 27.29
N THR A 478 -16.21 -8.22 28.19
CA THR A 478 -15.58 -8.23 29.52
C THR A 478 -16.35 -7.46 30.58
N ARG A 479 -16.17 -7.89 31.84
CA ARG A 479 -16.76 -7.28 33.02
C ARG A 479 -15.89 -6.07 33.38
N ASP A 480 -14.54 -6.25 33.40
CA ASP A 480 -13.54 -5.21 33.70
C ASP A 480 -13.12 -4.46 32.41
N PRO A 481 -13.57 -3.19 32.21
CA PRO A 481 -13.20 -2.45 30.98
C PRO A 481 -11.70 -2.21 30.84
N ILE A 482 -11.24 -2.12 29.57
CA ILE A 482 -9.83 -1.89 29.22
C ILE A 482 -9.65 -0.63 28.45
N TYR A 483 -8.45 -0.07 28.51
CA TYR A 483 -8.05 1.12 27.77
C TYR A 483 -7.66 0.56 26.39
N PHE A 484 -8.60 0.60 25.42
CA PHE A 484 -8.40 0.07 24.06
C PHE A 484 -7.16 0.62 23.37
N THR A 485 -6.44 -0.26 22.66
CA THR A 485 -5.20 0.09 21.98
C THR A 485 -5.30 -0.18 20.45
N GLY A 486 -5.71 -1.39 20.07
CA GLY A 486 -5.83 -1.75 18.67
C GLY A 486 -6.47 -3.10 18.46
N LEU A 487 -6.70 -3.44 17.18
CA LEU A 487 -7.32 -4.69 16.77
C LEU A 487 -6.35 -5.53 15.98
N ALA A 488 -6.37 -6.85 16.22
CA ALA A 488 -5.55 -7.82 15.49
C ALA A 488 -6.52 -8.79 14.82
N SER A 489 -6.23 -9.14 13.59
CA SER A 489 -7.03 -10.03 12.76
C SER A 489 -6.06 -10.55 11.74
N GLU A 490 -6.37 -11.72 11.18
CA GLU A 490 -5.49 -12.40 10.24
C GLU A 490 -5.48 -11.72 8.90
N PRO A 491 -4.28 -11.23 8.46
CA PRO A 491 -4.18 -10.58 7.13
C PRO A 491 -4.89 -11.42 6.09
N GLY A 492 -5.60 -10.74 5.20
CA GLY A 492 -6.35 -11.41 4.16
C GLY A 492 -7.86 -11.27 4.29
N ALA A 493 -8.36 -10.89 5.51
CA ALA A 493 -9.79 -10.69 5.83
C ALA A 493 -10.64 -11.89 5.51
N ARG A 494 -10.22 -13.11 5.98
CA ARG A 494 -10.87 -14.40 5.77
C ARG A 494 -11.25 -15.12 7.05
N SER A 495 -10.58 -14.81 8.18
CA SER A 495 -10.87 -15.44 9.47
C SER A 495 -12.10 -14.80 10.12
N MET A 496 -12.58 -15.39 11.24
CA MET A 496 -13.72 -14.89 12.04
C MET A 496 -13.25 -14.75 13.44
N ASN A 497 -11.94 -14.62 13.54
CA ASN A 497 -11.19 -14.45 14.75
C ASN A 497 -10.61 -13.06 14.80
N ILE A 498 -11.09 -12.27 15.79
CA ILE A 498 -10.70 -10.88 16.09
C ILE A 498 -10.10 -10.73 17.51
N SER A 499 -8.88 -10.23 17.61
CA SER A 499 -8.24 -10.02 18.89
C SER A 499 -8.28 -8.55 19.34
N ILE A 500 -9.08 -8.22 20.37
CA ILE A 500 -9.15 -6.85 20.94
C ILE A 500 -7.92 -6.70 21.86
N TRP A 501 -7.24 -5.54 21.91
CA TRP A 501 -6.05 -5.32 22.74
C TRP A 501 -6.11 -4.00 23.49
N GLY A 502 -5.55 -4.03 24.69
CA GLY A 502 -5.48 -2.87 25.57
C GLY A 502 -4.88 -3.22 26.91
N PHE A 503 -4.92 -2.25 27.84
CA PHE A 503 -4.40 -2.40 29.19
C PHE A 503 -5.40 -1.96 30.26
N THR A 504 -5.54 -2.76 31.35
CA THR A 504 -6.43 -2.56 32.51
C THR A 504 -5.98 -1.34 33.35
N GLU A 505 -6.92 -0.78 34.16
CA GLU A 505 -6.71 0.39 35.04
C GLU A 505 -5.75 0.14 36.24
N SER A 506 -4.75 1.05 36.41
CA SER A 506 -3.74 0.99 37.46
C SER A 506 -4.18 1.75 38.71
N THR A 509 0.50 0.28 38.21
CA THR A 509 0.09 -1.11 38.45
C THR A 509 -0.78 -1.70 37.31
N SER A 510 -0.56 -1.21 36.07
CA SER A 510 -1.24 -1.59 34.83
C SER A 510 -0.55 -2.76 34.10
N GLN A 511 -1.32 -3.52 33.31
CA GLN A 511 -0.86 -4.66 32.52
C GLN A 511 -1.71 -4.85 31.26
N TRP A 512 -1.07 -5.35 30.18
CA TRP A 512 -1.72 -5.59 28.89
C TRP A 512 -2.57 -6.86 28.86
N VAL A 513 -3.64 -6.84 28.08
CA VAL A 513 -4.57 -7.98 27.93
C VAL A 513 -5.03 -8.12 26.44
N SER A 514 -5.66 -9.25 26.09
CA SER A 514 -6.11 -9.55 24.75
C SER A 514 -7.31 -10.51 24.76
N TYR A 515 -8.50 -10.00 24.44
CA TYR A 515 -9.73 -10.78 24.38
C TYR A 515 -9.98 -11.13 22.89
N THR A 516 -10.03 -12.44 22.55
CA THR A 516 -10.26 -12.88 21.17
C THR A 516 -11.65 -13.51 20.99
N ILE A 517 -12.52 -12.85 20.21
CA ILE A 517 -13.87 -13.32 19.92
C ILE A 517 -13.91 -14.14 18.62
N ASP A 518 -14.56 -15.34 18.67
CA ASP A 518 -14.74 -16.17 17.48
C ASP A 518 -16.25 -16.12 17.08
N PHE A 519 -16.51 -15.79 15.81
CA PHE A 519 -17.85 -15.63 15.25
C PHE A 519 -18.40 -16.88 14.55
N LYS A 520 -17.80 -18.06 14.81
CA LYS A 520 -18.23 -19.33 14.21
C LYS A 520 -19.71 -19.66 14.51
N ASP A 521 -20.18 -19.35 15.72
CA ASP A 521 -21.55 -19.64 16.13
C ASP A 521 -22.51 -18.57 15.70
N ILE A 522 -22.02 -17.33 15.51
CA ILE A 522 -22.84 -16.21 15.03
C ILE A 522 -23.25 -16.50 13.58
N LEU A 523 -22.32 -17.10 12.79
CA LEU A 523 -22.53 -17.51 11.41
C LEU A 523 -22.44 -19.05 11.35
N GLU A 524 -23.43 -19.75 11.97
CA GLU A 524 -23.49 -21.22 12.01
C GLU A 524 -23.77 -21.84 10.61
N ARG A 525 -24.47 -21.08 9.74
CA ARG A 525 -24.77 -21.53 8.40
C ARG A 525 -23.70 -21.06 7.42
N ASN A 526 -23.32 -21.93 6.48
CA ASN A 526 -22.37 -21.66 5.42
C ASN A 526 -23.17 -21.17 4.20
N CYS A 527 -22.64 -20.18 3.48
CA CYS A 527 -23.32 -19.60 2.32
C CYS A 527 -23.48 -20.59 1.19
N GLU A 528 -24.64 -20.50 0.55
CA GLU A 528 -24.99 -21.32 -0.58
C GLU A 528 -25.36 -20.42 -1.75
N GLU A 529 -25.37 -20.99 -2.96
CA GLU A 529 -25.72 -20.32 -4.21
C GLU A 529 -26.84 -19.25 -4.07
N LYS A 530 -27.89 -19.54 -3.29
CA LYS A 530 -29.05 -18.64 -3.06
C LYS A 530 -28.70 -17.34 -2.36
N ASP A 531 -27.69 -17.35 -1.48
CA ASP A 531 -27.25 -16.18 -0.72
C ASP A 531 -26.63 -15.04 -1.58
N TYR A 532 -26.12 -15.38 -2.76
CA TYR A 532 -25.48 -14.42 -3.64
C TYR A 532 -26.41 -13.82 -4.66
N THR A 533 -26.10 -12.58 -5.03
CA THR A 533 -26.84 -11.78 -6.01
C THR A 533 -25.91 -11.21 -7.05
N ILE A 534 -26.45 -10.85 -8.21
CA ILE A 534 -25.69 -10.26 -9.31
C ILE A 534 -25.43 -8.75 -9.02
N TRP A 535 -24.25 -8.25 -9.45
CA TRP A 535 -23.87 -6.86 -9.27
C TRP A 535 -22.88 -6.36 -10.31
N LEU A 536 -23.33 -5.43 -11.16
CA LEU A 536 -22.46 -4.82 -12.17
C LEU A 536 -21.65 -3.70 -11.49
N ALA A 537 -20.34 -3.89 -11.42
CA ALA A 537 -19.42 -2.94 -10.85
C ALA A 537 -19.36 -1.76 -11.83
N HIS A 538 -19.21 -0.54 -11.27
CA HIS A 538 -19.08 0.75 -11.97
C HIS A 538 -20.35 1.21 -12.72
N SER A 539 -21.56 0.85 -12.24
CA SER A 539 -22.83 1.27 -12.88
C SER A 539 -23.11 2.78 -12.62
N THR A 540 -23.61 3.49 -13.66
CA THR A 540 -23.92 4.93 -13.65
C THR A 540 -25.29 5.20 -14.32
N ASP A 541 -25.58 4.54 -15.45
CA ASP A 541 -26.86 4.63 -16.18
C ASP A 541 -27.13 3.23 -16.78
N PRO A 542 -27.97 2.36 -16.13
CA PRO A 542 -28.16 0.98 -16.66
C PRO A 542 -28.76 0.88 -18.07
N GLU A 543 -29.44 1.94 -18.54
CA GLU A 543 -30.05 2.02 -19.87
C GLU A 543 -28.95 1.90 -20.94
N ASP A 544 -27.74 2.41 -20.62
CA ASP A 544 -26.57 2.46 -21.49
C ASP A 544 -25.89 1.12 -21.71
N TYR A 545 -25.56 0.87 -22.97
CA TYR A 545 -24.90 -0.34 -23.44
C TYR A 545 -23.46 -0.38 -22.93
N GLU A 546 -22.88 0.82 -22.72
CA GLU A 546 -21.50 1.00 -22.24
C GLU A 546 -21.43 1.18 -20.74
N ASP A 547 -22.54 0.98 -20.02
CA ASP A 547 -22.57 1.15 -18.58
C ASP A 547 -21.68 0.15 -17.86
N GLY A 548 -20.78 0.67 -17.05
CA GLY A 548 -19.87 -0.15 -16.27
C GLY A 548 -18.55 -0.43 -16.92
N CYS A 549 -18.34 0.09 -18.16
CA CYS A 549 -17.11 -0.05 -18.97
C CYS A 549 -16.03 0.79 -18.32
N ILE A 550 -15.10 0.16 -17.64
CA ILE A 550 -14.00 0.88 -17.03
C ILE A 550 -12.75 0.22 -17.55
N LEU A 551 -11.93 0.98 -18.26
CA LEU A 551 -10.68 0.47 -18.83
C LEU A 551 -10.97 -0.56 -19.90
N GLY A 552 -11.97 -0.24 -20.72
CA GLY A 552 -12.40 -1.06 -21.84
C GLY A 552 -13.23 -2.28 -21.56
N TYR A 553 -13.59 -2.56 -20.29
CA TYR A 553 -14.43 -3.74 -20.01
C TYR A 553 -15.29 -3.62 -18.75
N LYS A 554 -16.27 -4.52 -18.63
CA LYS A 554 -17.20 -4.57 -17.50
C LYS A 554 -16.82 -5.77 -16.65
N GLU A 555 -17.38 -5.89 -15.43
CA GLU A 555 -17.21 -6.98 -14.52
C GLU A 555 -18.55 -7.11 -13.79
N GLN A 556 -19.12 -8.35 -13.80
CA GLN A 556 -20.38 -8.69 -13.14
C GLN A 556 -19.97 -9.59 -12.05
N PHE A 557 -20.48 -9.33 -10.87
CA PHE A 557 -20.10 -10.07 -9.68
C PHE A 557 -21.27 -10.79 -9.06
N LEU A 558 -20.93 -11.73 -8.17
CA LEU A 558 -21.88 -12.44 -7.33
C LEU A 558 -21.47 -11.96 -5.96
N ARG A 559 -22.38 -11.32 -5.23
CA ARG A 559 -22.12 -10.77 -3.91
C ARG A 559 -23.10 -11.30 -2.94
N LEU A 560 -22.65 -11.58 -1.72
CA LEU A 560 -23.51 -12.02 -0.64
C LEU A 560 -24.53 -10.91 -0.40
N ARG A 561 -25.81 -11.30 -0.17
CA ARG A 561 -26.91 -10.37 0.10
C ARG A 561 -26.74 -9.72 1.47
N LYS A 562 -27.18 -8.48 1.61
CA LYS A 562 -27.08 -7.78 2.88
C LYS A 562 -27.92 -8.60 3.88
N SER A 563 -29.16 -8.96 3.46
CA SER A 563 -30.16 -9.78 4.16
C SER A 563 -29.55 -11.12 4.61
N SER A 564 -28.93 -11.86 3.66
CA SER A 564 -28.26 -13.14 3.89
C SER A 564 -27.14 -13.06 4.91
N MET A 565 -27.36 -13.66 6.09
CA MET A 565 -26.35 -13.69 7.14
C MET A 565 -25.85 -15.13 7.22
N CYS A 566 -24.57 -15.30 6.84
CA CYS A 566 -23.91 -16.60 6.72
C CYS A 566 -22.40 -16.42 6.54
N GLN A 567 -21.65 -17.53 6.62
CA GLN A 567 -20.20 -17.54 6.48
C GLN A 567 -19.77 -17.82 5.02
N ASN A 568 -19.06 -16.84 4.38
CA ASN A 568 -18.54 -16.95 3.01
C ASN A 568 -17.53 -18.12 2.95
N GLY A 569 -16.81 -18.34 4.05
CA GLY A 569 -15.84 -19.41 4.19
C GLY A 569 -14.43 -19.06 3.78
N ARG A 570 -13.44 -19.65 4.48
CA ARG A 570 -12.00 -19.44 4.22
C ARG A 570 -11.58 -19.74 2.76
N ASP A 571 -12.39 -20.47 2.01
CA ASP A 571 -12.07 -20.83 0.63
C ASP A 571 -12.89 -19.99 -0.38
N TYR A 572 -13.59 -18.93 0.11
CA TYR A 572 -14.42 -18.07 -0.74
C TYR A 572 -13.65 -17.51 -1.90
N VAL A 573 -14.23 -17.63 -3.08
CA VAL A 573 -13.60 -17.16 -4.30
C VAL A 573 -14.55 -16.14 -4.89
N VAL A 574 -14.09 -14.90 -4.96
CA VAL A 574 -14.86 -13.81 -5.54
C VAL A 574 -15.08 -14.24 -6.99
N THR A 575 -16.38 -14.39 -7.35
CA THR A 575 -16.81 -14.84 -8.67
C THR A 575 -17.26 -13.63 -9.49
N LYS A 576 -16.50 -13.37 -10.58
CA LYS A 576 -16.75 -12.27 -11.53
C LYS A 576 -16.56 -12.65 -13.00
N GLN A 577 -17.33 -12.02 -13.87
CA GLN A 577 -17.32 -12.24 -15.30
C GLN A 577 -17.14 -10.91 -16.03
N PRO A 578 -16.12 -10.84 -16.90
CA PRO A 578 -15.88 -9.61 -17.65
C PRO A 578 -16.67 -9.49 -18.95
N SER A 579 -16.95 -8.25 -19.41
CA SER A 579 -17.63 -8.04 -20.68
C SER A 579 -16.76 -7.08 -21.49
N ILE A 580 -16.04 -7.60 -22.51
CA ILE A 580 -15.13 -6.79 -23.32
C ILE A 580 -15.86 -5.76 -24.20
N CYS A 581 -15.75 -4.47 -23.83
CA CYS A 581 -16.41 -3.38 -24.55
C CYS A 581 -15.67 -2.94 -25.79
N LEU A 582 -16.35 -2.17 -26.64
CA LEU A 582 -15.69 -1.73 -27.86
C LEU A 582 -14.90 -0.46 -27.66
N CYS A 583 -13.70 -0.42 -28.27
CA CYS A 583 -12.74 0.68 -28.24
C CYS A 583 -13.30 1.93 -28.81
N SER A 584 -13.08 3.01 -28.09
CA SER A 584 -13.44 4.38 -28.39
C SER A 584 -12.10 5.11 -28.26
N LEU A 585 -12.04 6.41 -28.63
CA LEU A 585 -10.76 7.13 -28.48
C LEU A 585 -10.38 7.21 -27.00
N GLU A 586 -11.42 7.21 -26.14
CA GLU A 586 -11.35 7.25 -24.69
C GLU A 586 -10.48 6.19 -24.07
N ASP A 587 -10.10 5.17 -24.84
CA ASP A 587 -9.28 4.06 -24.35
C ASP A 587 -7.81 4.23 -24.75
N PHE A 588 -7.51 5.43 -25.25
CA PHE A 588 -6.17 5.78 -25.71
C PHE A 588 -5.67 7.04 -25.09
N LEU A 589 -4.40 7.05 -24.74
CA LEU A 589 -3.74 8.25 -24.21
C LEU A 589 -2.83 8.76 -25.34
N CYS A 590 -2.57 10.10 -25.38
CA CYS A 590 -1.67 10.74 -26.36
C CYS A 590 -0.28 10.17 -26.16
N ASP A 591 0.42 9.78 -27.23
CA ASP A 591 1.78 9.28 -27.08
C ASP A 591 2.63 10.55 -27.04
N PHE A 592 3.96 10.42 -27.15
CA PHE A 592 4.86 11.56 -27.13
C PHE A 592 4.64 12.46 -28.33
N GLY A 593 4.47 13.74 -28.07
CA GLY A 593 4.28 14.73 -29.11
C GLY A 593 2.83 15.04 -29.42
N TYR A 594 1.91 14.38 -28.72
CA TYR A 594 0.50 14.65 -28.99
C TYR A 594 -0.19 15.25 -27.79
N TYR A 595 -1.36 15.88 -28.01
CA TYR A 595 -2.16 16.50 -26.96
C TYR A 595 -3.65 16.58 -27.33
N ARG A 596 -4.52 16.62 -26.31
CA ARG A 596 -5.97 16.70 -26.47
C ARG A 596 -6.45 18.12 -26.19
N PRO A 597 -6.63 18.98 -27.21
CA PRO A 597 -7.13 20.33 -26.92
C PRO A 597 -8.64 20.33 -26.68
N GLU A 598 -9.19 21.44 -26.12
CA GLU A 598 -10.61 21.65 -25.79
C GLU A 598 -11.22 20.43 -25.03
N ASN A 599 -12.53 20.12 -25.25
CA ASN A 599 -13.23 18.98 -24.64
C ASN A 599 -12.89 17.70 -25.44
N ASP A 600 -12.75 17.84 -26.79
CA ASP A 600 -12.47 16.83 -27.82
C ASP A 600 -11.48 15.73 -27.37
N SER A 601 -11.80 14.46 -27.74
CA SER A 601 -11.05 13.25 -27.42
C SER A 601 -10.01 12.82 -28.48
N LYS A 602 -9.77 13.67 -29.50
CA LYS A 602 -8.80 13.38 -30.57
C LYS A 602 -7.38 13.90 -30.19
N CYS A 603 -6.36 13.04 -30.36
CA CYS A 603 -4.95 13.37 -30.08
C CYS A 603 -4.38 14.06 -31.29
N VAL A 604 -4.09 15.37 -31.15
CA VAL A 604 -3.49 16.19 -32.22
C VAL A 604 -2.00 16.44 -31.94
N GLU A 605 -1.20 16.58 -33.01
CA GLU A 605 0.23 16.87 -32.90
C GLU A 605 0.41 18.27 -32.35
N GLN A 606 1.48 18.49 -31.57
CA GLN A 606 1.78 19.78 -30.95
C GLN A 606 2.30 20.78 -31.99
N PRO A 607 2.15 22.12 -31.79
CA PRO A 607 2.73 23.06 -32.78
C PRO A 607 4.24 22.93 -32.70
N GLU A 608 4.75 22.92 -31.44
CA GLU A 608 6.14 22.73 -31.03
C GLU A 608 6.18 22.33 -29.52
N LEU A 609 7.22 21.56 -29.15
CA LEU A 609 7.45 21.00 -27.81
C LEU A 609 8.24 21.94 -26.87
N LYS A 610 7.60 22.28 -25.74
CA LYS A 610 8.18 23.11 -24.69
C LYS A 610 8.68 22.22 -23.52
N GLY A 611 9.19 22.85 -22.46
CA GLY A 611 9.70 22.23 -21.23
C GLY A 611 10.38 20.88 -21.36
N HIS A 612 10.03 19.96 -20.44
CA HIS A 612 10.56 18.59 -20.40
C HIS A 612 10.19 17.77 -21.64
N ASP A 613 9.30 18.30 -22.49
CA ASP A 613 8.92 17.63 -23.74
C ASP A 613 10.05 17.82 -24.75
N LEU A 614 10.68 19.03 -24.76
CA LEU A 614 11.81 19.33 -25.64
C LEU A 614 13.05 18.63 -25.08
N GLU A 615 13.11 18.48 -23.75
CA GLU A 615 14.18 17.78 -23.07
C GLU A 615 14.20 16.32 -23.52
N PHE A 616 13.03 15.69 -23.70
CA PHE A 616 12.96 14.29 -24.13
C PHE A 616 13.38 14.19 -25.60
N CYS A 617 12.78 15.06 -26.45
CA CYS A 617 12.94 15.25 -27.89
C CYS A 617 14.39 15.27 -28.36
N LEU A 618 15.29 15.80 -27.52
CA LEU A 618 16.71 15.94 -27.78
C LEU A 618 17.57 14.84 -27.18
N TYR A 619 17.17 14.26 -26.02
CA TYR A 619 17.98 13.26 -25.30
C TYR A 619 17.35 11.85 -25.14
N GLY A 620 16.36 11.52 -25.98
CA GLY A 620 15.67 10.23 -25.94
C GLY A 620 16.27 9.13 -26.80
N ARG A 621 15.42 8.19 -27.27
CA ARG A 621 15.81 7.06 -28.12
C ARG A 621 14.73 6.71 -29.17
N GLU A 622 15.18 6.13 -30.32
CA GLU A 622 14.43 5.71 -31.52
C GLU A 622 12.95 5.26 -31.33
N GLU A 623 12.69 4.27 -30.42
CA GLU A 623 11.35 3.69 -30.16
C GLU A 623 10.26 4.73 -29.76
N HIS A 624 10.43 5.41 -28.60
CA HIS A 624 9.48 6.39 -28.04
C HIS A 624 9.34 7.67 -28.86
N LEU A 625 10.43 8.11 -29.53
CA LEU A 625 10.44 9.34 -30.35
C LEU A 625 9.60 9.18 -31.61
N THR A 626 9.46 7.94 -32.10
CA THR A 626 8.62 7.65 -33.25
C THR A 626 7.26 7.24 -32.62
N THR A 627 6.14 7.79 -33.10
CA THR A 627 4.85 7.49 -32.46
C THR A 627 3.65 7.27 -33.38
N ASN A 628 2.70 6.39 -32.93
CA ASN A 628 1.45 6.12 -33.67
C ASN A 628 0.41 7.26 -33.40
N GLY A 629 0.79 8.18 -32.49
CA GLY A 629 0.00 9.33 -32.04
C GLY A 629 -0.75 9.02 -30.75
N TYR A 630 -1.24 7.77 -30.67
CA TYR A 630 -2.01 7.20 -29.60
C TYR A 630 -1.36 5.91 -29.08
N ARG A 631 -1.69 5.59 -27.82
CA ARG A 631 -1.28 4.37 -27.16
C ARG A 631 -2.44 3.86 -26.27
N LYS A 632 -2.62 2.53 -26.23
CA LYS A 632 -3.71 1.98 -25.42
C LYS A 632 -3.44 2.19 -23.95
N ILE A 633 -4.43 2.76 -23.22
CA ILE A 633 -4.38 3.01 -21.77
C ILE A 633 -3.90 1.72 -21.07
N PRO A 634 -2.92 1.74 -20.15
CA PRO A 634 -2.46 0.49 -19.55
C PRO A 634 -3.56 -0.15 -18.73
N GLY A 635 -3.69 -1.46 -18.81
CA GLY A 635 -4.73 -2.21 -18.12
C GLY A 635 -6.03 -2.20 -18.91
N ASP A 636 -6.05 -1.48 -20.05
CA ASP A 636 -7.22 -1.38 -20.89
C ASP A 636 -7.31 -2.60 -21.77
N LYS A 637 -8.41 -3.33 -21.61
CA LYS A 637 -8.66 -4.57 -22.30
C LYS A 637 -9.84 -4.51 -23.31
N CYS A 638 -10.09 -3.36 -23.95
CA CYS A 638 -11.18 -3.33 -24.92
C CYS A 638 -10.84 -4.10 -26.23
N GLN A 639 -11.87 -4.42 -27.03
CA GLN A 639 -11.74 -5.14 -28.31
C GLN A 639 -12.57 -4.37 -29.34
N GLY A 640 -12.22 -4.54 -30.61
CA GLY A 640 -12.91 -3.93 -31.73
C GLY A 640 -13.03 -2.44 -31.68
N GLY A 641 -14.09 -1.91 -32.27
CA GLY A 641 -14.36 -0.48 -32.36
C GLY A 641 -13.24 0.26 -33.07
N VAL A 642 -12.93 1.47 -32.56
CA VAL A 642 -11.90 2.40 -33.03
C VAL A 642 -10.45 1.92 -32.78
N ASN A 643 -9.51 2.37 -33.64
CA ASN A 643 -8.07 2.11 -33.58
C ASN A 643 -7.32 3.28 -34.24
N PRO A 644 -6.18 3.75 -33.66
CA PRO A 644 -5.42 4.88 -34.27
C PRO A 644 -4.68 4.52 -35.58
N VAL A 645 -5.39 4.53 -36.73
CA VAL A 645 -4.80 4.19 -38.04
C VAL A 645 -4.14 5.44 -38.70
N ARG A 646 -2.79 5.44 -38.67
CA ARG A 646 -1.83 6.43 -39.21
C ARG A 646 -0.42 5.83 -39.04
N GLU A 647 0.51 6.15 -39.98
CA GLU A 647 1.90 5.65 -39.98
C GLU A 647 2.69 6.09 -38.75
N VAL A 648 3.58 5.20 -38.25
CA VAL A 648 4.47 5.44 -37.11
C VAL A 648 5.54 6.51 -37.54
N LYS A 649 5.14 7.81 -37.45
CA LYS A 649 5.91 9.01 -37.82
C LYS A 649 7.04 9.37 -36.85
N ASP A 650 8.06 10.12 -37.35
CA ASP A 650 9.24 10.54 -36.57
C ASP A 650 9.20 12.03 -36.15
N LEU A 651 9.84 12.33 -35.00
CA LEU A 651 9.88 13.69 -34.44
C LEU A 651 11.28 14.25 -34.24
N LYS A 652 12.32 13.38 -34.26
CA LYS A 652 13.73 13.79 -34.10
C LYS A 652 14.22 14.72 -35.23
N LYS A 653 13.30 15.12 -36.10
CA LYS A 653 13.52 16.02 -37.23
C LYS A 653 12.81 17.32 -36.90
N LYS A 654 11.61 17.23 -36.30
CA LYS A 654 10.76 18.36 -35.89
C LYS A 654 11.41 19.20 -34.78
N CYS A 655 12.03 18.54 -33.79
CA CYS A 655 12.70 19.21 -32.66
C CYS A 655 13.98 19.93 -33.10
N THR A 656 14.88 19.19 -33.79
CA THR A 656 16.16 19.69 -34.28
C THR A 656 16.00 20.65 -35.44
N SER A 657 14.76 20.79 -35.96
CA SER A 657 14.47 21.65 -37.11
C SER A 657 14.81 23.10 -36.84
N ASN A 658 14.78 23.52 -35.56
CA ASN A 658 15.12 24.91 -35.19
C ASN A 658 16.61 25.03 -34.94
N PHE A 659 17.21 24.02 -34.36
CA PHE A 659 18.62 23.97 -34.07
C PHE A 659 19.51 23.97 -35.33
N LEU A 660 20.43 24.95 -35.44
CA LEU A 660 21.41 24.99 -36.54
C LEU A 660 22.32 23.77 -36.26
N SER A 661 22.48 22.94 -37.26
CA SER A 661 23.23 21.73 -37.10
C SER A 661 24.67 21.80 -37.59
N PRO A 662 25.57 21.14 -36.85
CA PRO A 662 26.96 21.04 -37.29
C PRO A 662 27.00 20.10 -38.51
N GLU A 663 28.05 20.23 -39.31
CA GLU A 663 28.24 19.41 -40.51
C GLU A 663 28.65 17.98 -40.17
C1 NAG B . -4.62 -1.58 -6.37
C2 NAG B . -3.41 -1.90 -7.25
C3 NAG B . -3.69 -3.11 -8.16
C4 NAG B . -4.22 -4.30 -7.35
C5 NAG B . -5.42 -3.83 -6.53
C6 NAG B . -6.07 -4.89 -5.66
C7 NAG B . -1.71 -0.48 -8.36
C8 NAG B . -1.48 0.67 -9.29
N2 NAG B . -3.00 -0.74 -8.03
O3 NAG B . -2.52 -3.47 -8.89
O4 NAG B . -4.61 -5.38 -8.21
O5 NAG B . -5.01 -2.76 -5.65
O6 NAG B . -5.34 -5.14 -4.47
O7 NAG B . -0.77 -1.17 -7.93
C1 NAG B . -4.09 -6.71 -8.02
C2 NAG B . -5.06 -7.69 -8.68
C3 NAG B . -4.53 -9.12 -8.80
C4 NAG B . -3.11 -9.13 -9.35
C5 NAG B . -2.23 -8.16 -8.57
C6 NAG B . -0.84 -8.02 -9.13
C7 NAG B . -7.48 -7.36 -8.35
C8 NAG B . -8.62 -7.65 -7.42
N2 NAG B . -6.28 -7.70 -7.87
O3 NAG B . -5.38 -9.85 -9.67
O4 NAG B . -2.61 -10.47 -9.34
O5 NAG B . -2.80 -6.84 -8.61
O6 NAG B . -0.12 -9.25 -9.05
O7 NAG B . -7.64 -6.85 -9.46
C1 NAG C . -10.39 -19.22 14.28
C2 NAG C . -10.35 -19.81 12.87
C3 NAG C . -10.29 -21.34 12.84
C4 NAG C . -9.25 -21.87 13.83
C5 NAG C . -9.54 -21.30 15.22
C6 NAG C . -8.51 -21.72 16.25
C7 NAG C . -11.44 -18.84 10.88
C8 NAG C . -12.77 -18.57 10.23
N2 NAG C . -11.50 -19.32 12.13
O3 NAG C . -9.99 -21.74 11.51
O4 NAG C . -9.28 -23.30 13.94
O5 NAG C . -9.48 -19.87 15.18
O6 NAG C . -8.63 -20.94 17.45
O7 NAG C . -10.38 -18.64 10.31
C1 NAG C . -8.59 -24.12 13.01
C2 NAG C . -7.97 -25.31 13.74
C3 NAG C . -7.29 -26.19 12.69
C4 NAG C . -8.29 -26.68 11.65
C5 NAG C . -8.99 -25.46 11.02
C6 NAG C . -10.16 -25.83 10.14
C7 NAG C . -7.28 -24.94 16.09
C8 NAG C . -6.14 -24.59 16.99
N2 NAG C . -7.02 -24.90 14.77
O3 NAG C . -6.63 -27.30 13.30
O4 NAG C . -7.65 -27.48 10.66
O5 NAG C . -9.52 -24.62 12.05
O6 NAG C . -10.93 -24.67 9.84
O7 NAG C . -8.40 -25.24 16.53
C2 UOY D . 13.31 9.50 -3.28
C3 UOY D . 12.17 9.69 -2.33
C5 UOY D . 11.31 10.99 -0.49
C7 UOY D . 9.27 11.53 1.27
C9 UOY D . 9.29 13.83 1.95
C10 UOY D . 9.69 13.45 3.21
C11 UOY D . 9.86 12.11 3.51
C12 UOY D . 9.65 11.14 2.55
C13 UOY D . 10.99 8.96 -2.31
C15 UOY D . 13.31 6.80 -6.88
C18 UOY D . 13.22 6.34 -8.31
O3 UOY D . 15.36 10.67 -6.74
C UOY D . 14.36 10.49 -5.99
O2 UOY D . 13.65 11.40 -5.50
C1 UOY D . 13.98 9.04 -5.63
C14 UOY D . 13.38 8.34 -6.85
C17 UOY D . 14.54 6.15 -6.29
C16 UOY D . 12.08 6.28 -6.16
N UOY D . 13.03 9.01 -4.51
O1 UOY D . 14.46 9.84 -2.96
N1 UOY D . 9.97 9.20 -1.45
C6 UOY D . 10.15 10.21 -0.58
C4 UOY D . 12.31 10.70 -1.39
O UOY D . 9.12 10.55 0.25
C8 UOY D . 9.08 12.87 0.97
C1 GOL E . -0.23 -3.50 21.54
O1 GOL E . 0.38 -2.24 21.29
C2 GOL E . -0.50 -4.26 20.26
O2 GOL E . -0.68 -5.64 20.57
C3 GOL E . -1.72 -3.80 19.49
O3 GOL E . -1.88 -4.53 18.28
#